data_7RTG
#
_entry.id   7RTG
#
_cell.length_a   80.910
_cell.length_b   49.519
_cell.length_c   89.085
_cell.angle_alpha   90.000
_cell.angle_beta   96.180
_cell.angle_gamma   90.000
#
_symmetry.space_group_name_H-M   'P 1 2 1'
#
loop_
_entity.id
_entity.type
_entity.pdbx_description
1 polymer 'Adenosine deaminase'
2 non-polymer 'ZINC ION'
3 water water
#
_entity_poly.entity_id   1
_entity_poly.type   'polypeptide(L)'
_entity_poly.pdbx_seq_one_letter_code
;MAQTPAFDKPKVELHVHLDGSIKPETILYYGRRRGIALPANTAEGLLNVIGMDKPLTLPDFLAKFDYYMPAIAGCREAIK
RIAYEFVEMKAKEGVVYVEVRYSPHLLANSKVEPIPWNQAEGDLTPDEVVALVGQGLQEGERDFGVKARSILCCMRHQPN
WSPKVVELCKKYQQQTVVAIDLAGDETIPGSSLLPGHVQAYQEAVKSGIHRTVHAGEVGSAEVVKEAVDILKTERLGHGY
HTLEDQALYNRLRQENMHFEICPWSSYLTGAWKPDTEHAVIRLKNDQANYSLNTDDPLIFKSTLDTDYQMTKRDMGFTEE
EFKRLNINAAKSSFLPEDEKRELLDLLYKAYGMPPSASAGQNLENLYFQSGG
;
_entity_poly.pdbx_strand_id   A,B
#
# COMPACT_ATOMS: atom_id res chain seq x y z
N PRO A 5 29.00 17.91 17.23
CA PRO A 5 28.42 17.19 16.09
C PRO A 5 29.40 17.07 14.93
N ALA A 6 29.89 15.85 14.68
CA ALA A 6 30.94 15.65 13.67
C ALA A 6 30.45 16.02 12.28
N PHE A 7 29.17 15.78 11.99
CA PHE A 7 28.61 16.02 10.66
C PHE A 7 27.19 16.55 10.85
N ASP A 8 27.05 17.87 10.82
CA ASP A 8 25.78 18.54 11.12
C ASP A 8 24.93 18.77 9.88
N LYS A 9 24.95 17.84 8.95
CA LYS A 9 24.10 17.90 7.76
C LYS A 9 23.20 16.67 7.75
N PRO A 10 22.16 16.63 6.90
CA PRO A 10 21.28 15.46 6.89
C PRO A 10 22.05 14.18 6.62
N LYS A 11 21.74 13.14 7.39
CA LYS A 11 22.38 11.84 7.26
C LYS A 11 21.38 10.79 6.79
N VAL A 12 21.91 9.62 6.44
CA VAL A 12 21.11 8.47 6.03
C VAL A 12 21.55 7.28 6.88
N GLU A 13 20.58 6.47 7.29
CA GLU A 13 20.85 5.25 8.05
C GLU A 13 20.19 4.06 7.37
N LEU A 14 20.97 3.02 7.08
CA LEU A 14 20.45 1.84 6.41
C LEU A 14 20.46 0.58 7.27
N HIS A 15 21.32 0.51 8.29
CA HIS A 15 21.46 -0.69 9.12
C HIS A 15 21.29 -0.31 10.59
N VAL A 16 20.07 -0.43 11.10
CA VAL A 16 19.82 -0.29 12.53
C VAL A 16 18.57 -1.11 12.86
N HIS A 17 18.63 -1.87 13.95
CA HIS A 17 17.56 -2.77 14.32
C HIS A 17 16.61 -2.09 15.30
N LEU A 18 15.30 -2.24 15.05
CA LEU A 18 14.30 -1.71 15.98
C LEU A 18 14.40 -2.41 17.33
N ASP A 19 14.69 -3.72 17.33
CA ASP A 19 14.93 -4.46 18.56
C ASP A 19 15.87 -3.71 19.49
N GLY A 20 16.97 -3.18 18.95
CA GLY A 20 18.00 -2.54 19.75
C GLY A 20 17.96 -1.03 19.68
N SER A 21 16.78 -0.45 19.51
CA SER A 21 16.62 1.00 19.58
C SER A 21 15.38 1.35 20.39
N ILE A 22 15.22 0.73 21.54
CA ILE A 22 14.11 1.00 22.43
C ILE A 22 14.59 1.94 23.53
N LYS A 23 13.69 2.78 24.01
CA LYS A 23 14.06 3.69 25.08
C LYS A 23 14.03 2.93 26.39
N PRO A 24 15.07 3.04 27.23
CA PRO A 24 15.11 2.21 28.45
C PRO A 24 13.98 2.52 29.41
N GLU A 25 13.32 3.67 29.24
CA GLU A 25 12.15 4.04 30.04
C GLU A 25 10.84 3.57 29.43
N THR A 26 10.84 3.22 28.14
CA THR A 26 9.67 2.55 27.56
C THR A 26 9.64 1.07 27.95
N ILE A 27 10.81 0.42 27.99
CA ILE A 27 10.90 -0.95 28.46
C ILE A 27 10.40 -1.06 29.87
N LEU A 28 10.70 -0.04 30.67
CA LEU A 28 10.52 -0.12 32.09
C LEU A 28 9.04 -0.10 32.40
N TYR A 29 8.31 0.77 31.68
CA TYR A 29 6.87 0.96 31.82
C TYR A 29 6.10 -0.29 31.46
N TYR A 30 6.50 -0.98 30.38
CA TYR A 30 5.76 -2.16 29.97
C TYR A 30 6.18 -3.39 30.75
N GLY A 31 7.46 -3.46 31.16
CA GLY A 31 7.86 -4.51 32.07
C GLY A 31 7.09 -4.46 33.39
N ARG A 32 6.76 -3.26 33.84
CA ARG A 32 5.98 -3.10 35.07
C ARG A 32 4.52 -3.43 34.83
N ARG A 33 3.92 -2.83 33.79
CA ARG A 33 2.48 -2.99 33.58
C ARG A 33 2.12 -4.40 33.12
N ARG A 34 3.10 -5.20 32.72
CA ARG A 34 2.89 -6.62 32.49
C ARG A 34 3.46 -7.47 33.62
N GLY A 35 3.99 -6.85 34.67
CA GLY A 35 4.52 -7.57 35.81
C GLY A 35 5.62 -8.55 35.45
N ILE A 36 6.67 -8.06 34.80
CA ILE A 36 7.73 -8.91 34.27
C ILE A 36 9.01 -8.65 35.03
N ALA A 37 9.69 -9.73 35.38
CA ALA A 37 10.93 -9.61 36.13
C ALA A 37 12.00 -9.05 35.20
N LEU A 38 12.25 -7.79 35.33
CA LEU A 38 13.33 -7.16 34.58
C LEU A 38 14.57 -7.08 35.45
N PRO A 39 15.76 -7.13 34.88
CA PRO A 39 16.97 -7.13 35.71
C PRO A 39 17.19 -5.78 36.38
N ALA A 40 16.21 -4.87 36.29
CA ALA A 40 16.34 -3.56 36.91
C ALA A 40 14.98 -2.87 36.99
N ASN A 41 14.82 -2.04 38.03
CA ASN A 41 13.63 -1.22 38.23
C ASN A 41 13.87 0.25 37.89
N THR A 42 15.09 0.59 37.52
CA THR A 42 15.53 1.96 37.33
C THR A 42 16.04 2.09 35.91
N ALA A 43 15.61 3.15 35.21
CA ALA A 43 16.03 3.39 33.82
C ALA A 43 17.54 3.36 33.64
N GLU A 44 18.27 4.13 34.44
CA GLU A 44 19.72 4.24 34.26
C GLU A 44 20.41 2.94 34.66
N GLY A 45 19.83 2.20 35.61
CA GLY A 45 20.37 0.89 35.99
C GLY A 45 19.95 -0.21 35.06
N LEU A 46 18.80 -0.08 34.40
CA LEU A 46 18.47 -1.04 33.36
C LEU A 46 19.51 -0.95 32.26
N LEU A 47 19.87 0.27 31.89
CA LEU A 47 20.88 0.52 30.87
C LEU A 47 22.27 0.07 31.31
N ASN A 48 22.47 -0.28 32.58
CA ASN A 48 23.75 -0.81 33.03
C ASN A 48 23.90 -2.30 32.84
N VAL A 49 22.81 -3.06 32.95
CA VAL A 49 22.86 -4.49 32.64
C VAL A 49 22.81 -4.69 31.13
N ILE A 50 21.98 -3.91 30.44
CA ILE A 50 21.79 -4.12 29.01
C ILE A 50 22.91 -3.45 28.22
N GLY A 51 23.37 -2.28 28.65
CA GLY A 51 24.42 -1.59 27.93
C GLY A 51 25.75 -2.31 28.01
N MET A 52 26.55 -2.16 26.96
CA MET A 52 27.88 -2.75 26.88
C MET A 52 28.94 -1.66 26.93
N ASP A 53 29.96 -1.86 27.77
CA ASP A 53 31.05 -0.91 27.94
C ASP A 53 32.34 -1.34 27.26
N LYS A 54 32.61 -2.64 27.19
CA LYS A 54 33.84 -3.19 26.62
C LYS A 54 33.53 -4.15 25.49
N PRO A 55 34.51 -4.58 24.71
CA PRO A 55 34.25 -5.61 23.69
C PRO A 55 33.86 -6.93 24.34
N LEU A 56 32.84 -7.57 23.77
CA LEU A 56 32.48 -8.93 24.16
C LEU A 56 32.46 -9.86 22.95
N THR A 57 31.62 -10.89 22.99
CA THR A 57 31.46 -11.80 21.88
C THR A 57 30.06 -11.68 21.29
N LEU A 58 29.91 -12.25 20.10
CA LEU A 58 28.66 -12.18 19.35
C LEU A 58 27.53 -12.89 20.10
N PRO A 59 27.72 -14.12 20.59
CA PRO A 59 26.68 -14.71 21.45
C PRO A 59 26.35 -13.90 22.68
N ASP A 60 27.31 -13.17 23.24
CA ASP A 60 26.99 -12.39 24.43
C ASP A 60 26.20 -11.15 24.11
N PHE A 61 26.51 -10.48 23.00
CA PHE A 61 25.69 -9.33 22.60
C PHE A 61 24.26 -9.77 22.31
N LEU A 62 24.08 -10.87 21.58
CA LEU A 62 22.73 -11.36 21.32
C LEU A 62 22.02 -11.78 22.59
N ALA A 63 22.78 -12.18 23.61
CA ALA A 63 22.16 -12.57 24.88
C ALA A 63 21.48 -11.39 25.56
N LYS A 64 21.99 -10.17 25.38
CA LYS A 64 21.42 -9.00 26.05
C LYS A 64 19.93 -8.83 25.73
N PHE A 65 19.48 -9.36 24.58
CA PHE A 65 18.07 -9.23 24.22
C PHE A 65 17.17 -10.02 25.15
N ASP A 66 17.67 -11.13 25.70
CA ASP A 66 16.88 -11.94 26.61
C ASP A 66 16.46 -11.19 27.86
N TYR A 67 17.11 -10.05 28.15
CA TYR A 67 16.80 -9.31 29.37
C TYR A 67 15.46 -8.59 29.26
N TYR A 68 15.20 -7.90 28.15
CA TYR A 68 14.08 -6.97 28.05
C TYR A 68 13.04 -7.34 27.01
N MET A 69 13.35 -8.23 26.07
CA MET A 69 12.37 -8.57 25.03
C MET A 69 11.06 -9.13 25.57
N PRO A 70 11.00 -9.89 26.67
CA PRO A 70 9.69 -10.30 27.19
C PRO A 70 8.74 -9.15 27.50
N ALA A 71 9.25 -7.97 27.83
CA ALA A 71 8.36 -6.86 28.14
C ALA A 71 7.74 -6.27 26.87
N ILE A 72 8.44 -6.35 25.75
CA ILE A 72 7.97 -5.77 24.49
C ILE A 72 7.14 -6.76 23.71
N ALA A 73 7.68 -7.94 23.47
CA ALA A 73 7.03 -8.91 22.60
C ALA A 73 5.66 -9.30 23.14
N GLY A 74 4.69 -9.44 22.24
CA GLY A 74 3.35 -9.85 22.59
C GLY A 74 2.41 -8.76 23.07
N CYS A 75 2.86 -7.51 23.15
CA CYS A 75 2.01 -6.41 23.59
C CYS A 75 1.93 -5.35 22.51
N ARG A 76 0.70 -4.98 22.19
CA ARG A 76 0.49 -4.16 21.00
C ARG A 76 1.01 -2.78 21.10
N GLU A 77 0.59 -2.16 22.14
CA GLU A 77 0.92 -0.79 22.43
C GLU A 77 2.41 -0.60 22.57
N ALA A 78 3.10 -1.60 23.13
CA ALA A 78 4.55 -1.52 23.22
C ALA A 78 5.20 -1.64 21.85
N ILE A 79 4.65 -2.48 20.96
CA ILE A 79 5.25 -2.68 19.64
C ILE A 79 5.17 -1.39 18.83
N LYS A 80 3.99 -0.78 18.76
CA LYS A 80 3.83 0.42 17.94
C LYS A 80 4.57 1.61 18.51
N ARG A 81 4.54 1.77 19.83
CA ARG A 81 5.16 2.94 20.45
C ARG A 81 6.66 2.98 20.19
N ILE A 82 7.35 1.85 20.33
CA ILE A 82 8.79 1.85 20.10
C ILE A 82 9.11 2.17 18.65
N ALA A 83 8.22 1.83 17.73
CA ALA A 83 8.37 2.29 16.35
C ALA A 83 8.24 3.80 16.27
N TYR A 84 7.16 4.34 16.84
CA TYR A 84 7.00 5.80 16.90
C TYR A 84 8.18 6.44 17.62
N GLU A 85 8.60 5.87 18.74
CA GLU A 85 9.69 6.46 19.50
C GLU A 85 11.02 6.30 18.78
N PHE A 86 11.18 5.24 17.99
CA PHE A 86 12.43 5.06 17.24
C PHE A 86 12.63 6.18 16.23
N VAL A 87 11.59 6.48 15.45
CA VAL A 87 11.71 7.49 14.40
C VAL A 87 11.88 8.88 15.02
N GLU A 88 11.17 9.16 16.11
CA GLU A 88 11.47 10.31 16.95
C GLU A 88 12.96 10.45 17.24
N MET A 89 13.53 9.42 17.88
CA MET A 89 14.97 9.36 18.15
C MET A 89 15.79 9.75 16.91
N LYS A 90 15.54 9.09 15.78
CA LYS A 90 16.33 9.34 14.59
C LYS A 90 16.20 10.78 14.11
N ALA A 91 15.03 11.38 14.31
CA ALA A 91 14.83 12.77 13.90
C ALA A 91 15.76 13.69 14.68
N LYS A 92 15.84 13.50 16.00
CA LYS A 92 16.69 14.35 16.85
C LYS A 92 18.16 14.31 16.44
N GLU A 93 18.58 13.36 15.62
CA GLU A 93 20.00 13.16 15.32
C GLU A 93 20.32 13.50 13.87
N GLY A 94 19.38 14.11 13.15
CA GLY A 94 19.65 14.58 11.82
C GLY A 94 19.48 13.57 10.72
N VAL A 95 18.57 12.61 10.87
CA VAL A 95 18.35 11.57 9.87
C VAL A 95 17.12 11.94 9.06
N VAL A 96 17.27 11.94 7.74
CA VAL A 96 16.14 12.21 6.85
C VAL A 96 15.56 10.96 6.22
N TYR A 97 16.34 9.88 6.13
CA TYR A 97 15.84 8.59 5.65
C TYR A 97 16.48 7.48 6.46
N VAL A 98 15.68 6.53 6.92
CA VAL A 98 16.15 5.45 7.76
C VAL A 98 15.40 4.17 7.39
N GLU A 99 16.15 3.09 7.17
CA GLU A 99 15.58 1.76 7.02
C GLU A 99 15.84 0.99 8.31
N VAL A 100 14.77 0.65 9.03
CA VAL A 100 14.86 0.02 10.33
C VAL A 100 14.40 -1.43 10.19
N ARG A 101 15.22 -2.37 10.69
CA ARG A 101 14.99 -3.78 10.51
C ARG A 101 14.64 -4.46 11.82
N TYR A 102 13.88 -5.55 11.73
CA TYR A 102 13.39 -6.27 12.89
C TYR A 102 12.81 -7.60 12.42
N SER A 103 12.80 -8.58 13.33
CA SER A 103 12.23 -9.89 13.05
C SER A 103 10.80 -9.94 13.56
N PRO A 104 9.79 -10.00 12.70
CA PRO A 104 8.40 -10.03 13.20
C PRO A 104 8.09 -11.25 14.06
N HIS A 105 8.83 -12.34 13.91
CA HIS A 105 8.58 -13.52 14.75
C HIS A 105 9.04 -13.29 16.18
N LEU A 106 10.15 -12.56 16.36
CA LEU A 106 10.68 -12.35 17.70
C LEU A 106 9.87 -11.33 18.50
N LEU A 107 8.95 -10.61 17.86
CA LEU A 107 8.01 -9.74 18.57
C LEU A 107 6.64 -10.37 18.74
N ALA A 108 6.36 -11.47 18.04
CA ALA A 108 5.07 -12.12 18.09
C ALA A 108 5.01 -13.12 19.24
N ASN A 109 3.80 -13.61 19.51
CA ASN A 109 3.62 -14.67 20.51
C ASN A 109 2.63 -15.74 20.08
N SER A 110 2.06 -15.65 18.88
CA SER A 110 1.15 -16.67 18.38
C SER A 110 1.48 -16.98 16.94
N LYS A 111 1.24 -18.23 16.54
CA LYS A 111 1.58 -18.72 15.22
C LYS A 111 3.07 -18.54 14.94
N VAL A 112 3.90 -18.88 15.92
CA VAL A 112 5.35 -18.79 15.77
C VAL A 112 5.98 -19.95 16.55
N GLU A 113 6.87 -20.69 15.91
CA GLU A 113 7.74 -21.66 16.55
C GLU A 113 9.18 -21.23 16.41
N PRO A 114 9.94 -21.11 17.52
CA PRO A 114 9.36 -21.27 18.84
C PRO A 114 8.85 -19.95 19.38
N ILE A 115 7.94 -19.99 20.36
CA ILE A 115 7.47 -18.75 20.98
C ILE A 115 8.70 -18.15 21.66
N PRO A 116 9.21 -17.02 21.19
CA PRO A 116 10.48 -16.51 21.72
C PRO A 116 10.31 -15.94 23.12
N TRP A 117 11.44 -15.72 23.78
CA TRP A 117 11.48 -15.09 25.10
C TRP A 117 10.61 -15.82 26.11
N ASN A 118 10.42 -17.13 25.88
CA ASN A 118 9.66 -18.00 26.76
C ASN A 118 8.26 -17.45 27.06
N GLN A 119 7.65 -16.83 26.04
CA GLN A 119 6.30 -16.30 26.23
C GLN A 119 5.28 -17.44 26.30
N ALA A 120 4.08 -17.07 26.72
CA ALA A 120 2.92 -17.93 26.62
C ALA A 120 2.17 -17.65 25.32
N GLU A 121 1.48 -18.68 24.82
CA GLU A 121 0.76 -18.55 23.57
C GLU A 121 -0.32 -17.49 23.69
N GLY A 122 -0.40 -16.60 22.70
CA GLY A 122 -1.35 -15.51 22.71
C GLY A 122 -2.07 -15.34 21.38
N ASP A 123 -2.16 -14.11 20.89
CA ASP A 123 -2.87 -13.83 19.65
C ASP A 123 -2.10 -12.90 18.71
N LEU A 124 -0.87 -12.53 19.03
CA LEU A 124 -0.07 -11.66 18.19
C LEU A 124 0.73 -12.51 17.22
N THR A 125 0.37 -12.44 15.93
CA THR A 125 0.97 -13.15 14.82
C THR A 125 2.04 -12.30 14.15
N PRO A 126 3.06 -12.93 13.55
CA PRO A 126 4.07 -12.15 12.82
C PRO A 126 3.50 -11.21 11.79
N ASP A 127 2.43 -11.61 11.10
CA ASP A 127 1.81 -10.74 10.10
C ASP A 127 1.14 -9.54 10.77
N GLU A 128 0.76 -9.69 12.05
CA GLU A 128 0.18 -8.57 12.78
C GLU A 128 1.26 -7.62 13.29
N VAL A 129 2.43 -8.14 13.62
CA VAL A 129 3.51 -7.29 14.13
C VAL A 129 3.96 -6.31 13.05
N VAL A 130 4.00 -6.75 11.80
CA VAL A 130 4.43 -5.86 10.72
C VAL A 130 3.41 -4.75 10.50
N ALA A 131 2.12 -5.03 10.71
CA ALA A 131 1.11 -4.00 10.54
C ALA A 131 1.15 -2.98 11.67
N LEU A 132 1.67 -3.35 12.85
CA LEU A 132 1.76 -2.43 13.97
C LEU A 132 3.04 -1.61 13.93
N VAL A 133 4.18 -2.23 13.59
CA VAL A 133 5.41 -1.48 13.43
C VAL A 133 5.26 -0.45 12.31
N GLY A 134 4.70 -0.88 11.18
CA GLY A 134 4.48 0.04 10.07
C GLY A 134 3.62 1.23 10.47
N GLN A 135 2.63 0.99 11.33
CA GLN A 135 1.79 2.09 11.80
C GLN A 135 2.60 3.09 12.60
N GLY A 136 3.46 2.62 13.50
CA GLY A 136 4.32 3.53 14.24
C GLY A 136 5.26 4.32 13.35
N LEU A 137 5.84 3.65 12.34
CA LEU A 137 6.71 4.36 11.40
C LEU A 137 5.91 5.36 10.56
N GLN A 138 4.66 5.01 10.23
N GLN A 138 4.67 5.01 10.22
CA GLN A 138 3.83 5.92 9.45
CA GLN A 138 3.83 5.92 9.45
C GLN A 138 3.45 7.16 10.25
C GLN A 138 3.46 7.15 10.26
N GLU A 139 3.11 6.97 11.54
CA GLU A 139 2.75 8.11 12.37
C GLU A 139 3.98 8.93 12.77
N GLY A 140 5.13 8.28 12.95
CA GLY A 140 6.33 9.01 13.30
C GLY A 140 6.78 9.91 12.18
N GLU A 141 6.88 9.37 10.97
CA GLU A 141 7.24 10.17 9.81
C GLU A 141 6.35 11.40 9.71
N ARG A 142 5.04 11.23 9.91
CA ARG A 142 4.12 12.37 9.84
C ARG A 142 4.35 13.37 10.97
N ASP A 143 4.81 12.92 12.14
CA ASP A 143 5.06 13.84 13.25
C ASP A 143 6.44 14.46 13.22
N PHE A 144 7.43 13.76 12.68
CA PHE A 144 8.81 14.20 12.77
C PHE A 144 9.46 14.49 11.42
N GLY A 145 8.78 14.21 10.32
CA GLY A 145 9.28 14.50 8.99
C GLY A 145 10.57 13.83 8.64
N VAL A 146 10.61 12.50 8.74
CA VAL A 146 11.75 11.70 8.32
C VAL A 146 11.24 10.40 7.73
N LYS A 147 11.74 10.05 6.55
CA LYS A 147 11.22 8.91 5.80
C LYS A 147 11.78 7.62 6.40
N ALA A 148 10.88 6.72 6.77
CA ALA A 148 11.20 5.57 7.61
C ALA A 148 10.62 4.31 6.99
N ARG A 149 11.45 3.29 6.80
CA ARG A 149 11.04 2.06 6.14
C ARG A 149 11.49 0.84 6.94
N SER A 150 10.62 -0.15 7.02
CA SER A 150 10.91 -1.42 7.68
C SER A 150 11.72 -2.33 6.77
N ILE A 151 12.59 -3.15 7.38
CA ILE A 151 13.10 -4.35 6.75
C ILE A 151 12.82 -5.53 7.68
N LEU A 152 12.37 -6.65 7.11
CA LEU A 152 11.96 -7.81 7.88
C LEU A 152 13.08 -8.82 8.00
N CYS A 153 13.40 -9.20 9.23
CA CYS A 153 14.57 -10.03 9.51
C CYS A 153 14.23 -11.52 9.46
N CYS A 154 15.13 -12.27 8.82
CA CYS A 154 15.21 -13.71 9.02
C CYS A 154 16.19 -13.98 10.16
N MET A 155 15.95 -15.05 10.90
CA MET A 155 16.88 -15.48 11.94
C MET A 155 17.66 -16.67 11.44
N ARG A 156 18.99 -16.62 11.60
CA ARG A 156 19.85 -17.67 11.07
C ARG A 156 19.56 -19.02 11.72
N HIS A 157 19.06 -19.02 12.95
CA HIS A 157 18.80 -20.27 13.66
C HIS A 157 17.42 -20.86 13.35
N GLN A 158 16.51 -20.08 12.77
CA GLN A 158 15.15 -20.53 12.45
C GLN A 158 14.92 -20.36 10.95
N PRO A 159 15.40 -21.30 10.13
CA PRO A 159 15.08 -21.26 8.70
C PRO A 159 13.61 -21.48 8.41
N ASN A 160 12.85 -22.07 9.35
CA ASN A 160 11.42 -22.26 9.15
C ASN A 160 10.65 -20.94 9.15
N TRP A 161 11.22 -19.88 9.72
CA TRP A 161 10.56 -18.58 9.71
C TRP A 161 10.67 -17.90 8.36
N SER A 162 11.82 -18.03 7.70
CA SER A 162 12.09 -17.23 6.52
C SER A 162 11.11 -17.46 5.37
N PRO A 163 10.45 -18.61 5.24
CA PRO A 163 9.36 -18.69 4.23
C PRO A 163 8.27 -17.67 4.44
N LYS A 164 7.90 -17.41 5.70
CA LYS A 164 6.84 -16.48 6.02
C LYS A 164 7.28 -15.03 5.87
N VAL A 165 8.58 -14.77 6.03
CA VAL A 165 9.09 -13.40 6.09
C VAL A 165 9.05 -12.72 4.72
N VAL A 166 9.63 -13.34 3.70
CA VAL A 166 9.60 -12.78 2.34
C VAL A 166 8.18 -12.50 1.98
N GLU A 167 7.39 -13.51 2.28
CA GLU A 167 5.99 -13.59 1.93
C GLU A 167 5.23 -12.43 2.54
N LEU A 168 5.62 -12.08 3.76
CA LEU A 168 5.19 -10.87 4.43
C LEU A 168 5.74 -9.61 3.75
N CYS A 169 7.04 -9.63 3.39
CA CYS A 169 7.63 -8.56 2.61
C CYS A 169 6.83 -8.24 1.36
N LYS A 170 6.12 -9.22 0.83
CA LYS A 170 5.37 -9.08 -0.41
C LYS A 170 3.96 -8.55 -0.17
N LYS A 171 3.31 -8.97 0.91
CA LYS A 171 2.00 -8.43 1.25
C LYS A 171 2.09 -6.96 1.65
N TYR A 172 3.14 -6.58 2.38
CA TYR A 172 3.30 -5.21 2.86
C TYR A 172 4.28 -4.40 2.00
N GLN A 173 4.49 -4.79 0.75
CA GLN A 173 5.42 -4.05 -0.10
C GLN A 173 4.97 -2.61 -0.30
N GLN A 174 3.65 -2.38 -0.38
CA GLN A 174 3.12 -1.04 -0.55
C GLN A 174 2.91 -0.32 0.77
N GLN A 175 3.50 -0.82 1.85
CA GLN A 175 3.41 -0.16 3.15
C GLN A 175 4.76 0.46 3.49
N THR A 176 5.50 -0.13 4.41
CA THR A 176 6.81 0.37 4.80
C THR A 176 7.93 -0.61 4.48
N VAL A 177 7.60 -1.81 4.01
CA VAL A 177 8.59 -2.88 3.87
C VAL A 177 9.26 -2.74 2.51
N VAL A 178 10.59 -2.73 2.51
CA VAL A 178 11.36 -2.52 1.29
C VAL A 178 12.31 -3.65 0.97
N ALA A 179 12.62 -4.54 1.91
CA ALA A 179 13.63 -5.57 1.66
C ALA A 179 13.48 -6.66 2.72
N ILE A 180 14.32 -7.69 2.59
CA ILE A 180 14.41 -8.79 3.54
C ILE A 180 15.87 -8.90 4.00
N ASP A 181 16.06 -9.19 5.27
CA ASP A 181 17.37 -9.34 5.88
C ASP A 181 17.54 -10.76 6.41
N LEU A 182 18.79 -11.11 6.71
CA LEU A 182 19.13 -12.37 7.37
C LEU A 182 20.07 -12.04 8.52
N ALA A 183 19.54 -12.02 9.73
CA ALA A 183 20.28 -11.62 10.92
C ALA A 183 20.48 -12.81 11.84
N GLY A 184 20.91 -12.53 13.06
CA GLY A 184 21.10 -13.57 14.04
C GLY A 184 22.54 -13.97 14.25
N ASP A 185 22.74 -15.25 14.58
CA ASP A 185 24.04 -15.78 14.99
C ASP A 185 24.81 -16.22 13.76
N GLU A 186 25.71 -15.37 13.27
CA GLU A 186 26.53 -15.76 12.13
C GLU A 186 27.58 -16.81 12.50
N THR A 187 27.87 -17.00 13.80
CA THR A 187 28.80 -18.04 14.22
C THR A 187 28.27 -19.46 14.02
N ILE A 188 26.97 -19.63 13.74
CA ILE A 188 26.47 -20.97 13.49
C ILE A 188 26.90 -21.43 12.11
N PRO A 189 27.61 -22.55 12.02
CA PRO A 189 28.24 -22.92 10.74
C PRO A 189 27.20 -23.38 9.73
N GLY A 190 27.30 -22.83 8.52
CA GLY A 190 26.42 -23.24 7.44
C GLY A 190 24.98 -22.82 7.59
N SER A 191 24.69 -21.84 8.46
CA SER A 191 23.32 -21.37 8.59
C SER A 191 22.92 -20.56 7.37
N SER A 192 23.89 -20.08 6.58
CA SER A 192 23.56 -19.35 5.37
C SER A 192 23.00 -20.27 4.29
N LEU A 193 23.26 -21.59 4.32
CA LEU A 193 22.77 -22.43 3.24
C LEU A 193 21.65 -23.35 3.73
N LEU A 194 20.99 -23.01 4.83
CA LEU A 194 19.85 -23.80 5.26
C LEU A 194 18.73 -23.66 4.24
N PRO A 195 18.02 -24.75 3.91
CA PRO A 195 17.02 -24.68 2.83
C PRO A 195 15.93 -23.66 3.06
N GLY A 196 15.46 -23.50 4.30
CA GLY A 196 14.44 -22.50 4.59
C GLY A 196 14.85 -21.10 4.18
N HIS A 197 16.11 -20.74 4.45
CA HIS A 197 16.59 -19.41 4.09
C HIS A 197 16.63 -19.25 2.59
N VAL A 198 17.00 -20.29 1.86
CA VAL A 198 17.30 -20.11 0.44
C VAL A 198 16.04 -19.92 -0.38
N GLN A 199 14.89 -20.51 0.03
CA GLN A 199 13.70 -20.30 -0.80
C GLN A 199 13.36 -18.82 -0.72
N ALA A 200 13.54 -18.27 0.48
CA ALA A 200 13.20 -16.89 0.80
C ALA A 200 13.91 -15.91 -0.10
N TYR A 201 15.23 -16.02 -0.21
CA TYR A 201 15.94 -15.12 -1.10
C TYR A 201 15.64 -15.47 -2.53
N GLN A 202 15.36 -16.74 -2.81
CA GLN A 202 14.94 -17.10 -4.15
C GLN A 202 13.58 -16.48 -4.45
N GLU A 203 12.63 -16.54 -3.51
CA GLU A 203 11.34 -15.98 -3.90
C GLU A 203 11.42 -14.46 -3.97
N ALA A 204 12.35 -13.90 -3.21
CA ALA A 204 12.64 -12.48 -3.27
C ALA A 204 13.17 -12.04 -4.62
N VAL A 205 13.96 -12.89 -5.28
CA VAL A 205 14.48 -12.55 -6.58
C VAL A 205 13.36 -12.56 -7.61
N LYS A 206 12.53 -13.60 -7.60
CA LYS A 206 11.40 -13.66 -8.53
C LYS A 206 10.48 -12.44 -8.41
N SER A 207 9.96 -12.20 -7.22
CA SER A 207 8.95 -11.21 -6.97
C SER A 207 9.52 -9.80 -6.74
N GLY A 208 10.81 -9.62 -6.96
CA GLY A 208 11.40 -8.30 -6.86
C GLY A 208 11.48 -7.73 -5.46
N ILE A 209 11.80 -8.55 -4.46
CA ILE A 209 11.99 -8.09 -3.11
C ILE A 209 13.49 -7.87 -2.89
N HIS A 210 13.83 -6.72 -2.33
CA HIS A 210 15.24 -6.37 -2.14
C HIS A 210 15.86 -7.24 -1.04
N ARG A 211 17.18 -7.39 -1.12
CA ARG A 211 17.87 -8.37 -0.32
C ARG A 211 19.10 -7.76 0.33
N THR A 212 19.20 -7.90 1.66
CA THR A 212 20.40 -7.58 2.41
C THR A 212 20.68 -8.73 3.37
N VAL A 213 21.96 -8.94 3.69
CA VAL A 213 22.38 -10.08 4.50
C VAL A 213 23.47 -9.66 5.46
N HIS A 214 23.28 -9.95 6.74
CA HIS A 214 24.38 -9.85 7.71
C HIS A 214 25.45 -10.88 7.33
N ALA A 215 26.62 -10.42 6.87
CA ALA A 215 27.67 -11.32 6.43
C ALA A 215 29.02 -10.63 6.58
N GLY A 216 30.00 -11.37 7.13
CA GLY A 216 31.33 -10.86 7.32
C GLY A 216 31.52 -10.07 8.59
N GLU A 217 30.58 -10.20 9.53
CA GLU A 217 30.65 -9.46 10.78
C GLU A 217 31.53 -10.17 11.83
N VAL A 218 31.35 -11.46 11.99
CA VAL A 218 32.23 -12.29 12.83
C VAL A 218 32.63 -13.59 12.16
N GLY A 219 32.25 -13.82 10.91
CA GLY A 219 32.65 -14.99 10.17
C GLY A 219 33.79 -14.73 9.19
N SER A 220 34.13 -15.78 8.45
CA SER A 220 35.15 -15.72 7.42
C SER A 220 34.60 -15.03 6.18
N ALA A 221 35.41 -14.94 5.12
CA ALA A 221 34.92 -14.35 3.87
C ALA A 221 34.05 -15.30 3.07
N GLU A 222 34.12 -16.61 3.33
CA GLU A 222 33.12 -17.53 2.78
C GLU A 222 31.70 -17.19 3.18
N VAL A 223 31.50 -16.66 4.37
CA VAL A 223 30.17 -16.18 4.75
C VAL A 223 29.64 -15.15 3.76
N VAL A 224 30.44 -14.14 3.46
CA VAL A 224 30.06 -13.10 2.51
C VAL A 224 29.86 -13.72 1.13
N LYS A 225 30.63 -14.77 0.82
CA LYS A 225 30.76 -15.22 -0.56
C LYS A 225 29.53 -16.00 -0.99
N GLU A 226 28.91 -16.76 -0.07
CA GLU A 226 27.61 -17.37 -0.34
C GLU A 226 26.49 -16.34 -0.31
N ALA A 227 26.57 -15.37 0.61
CA ALA A 227 25.58 -14.29 0.63
C ALA A 227 25.52 -13.60 -0.73
N VAL A 228 26.68 -13.29 -1.30
CA VAL A 228 26.75 -12.67 -2.61
C VAL A 228 26.26 -13.64 -3.69
N ASP A 229 26.87 -14.81 -3.77
CA ASP A 229 26.66 -15.68 -4.92
C ASP A 229 25.51 -16.67 -4.77
N ILE A 230 25.14 -17.07 -3.55
CA ILE A 230 24.01 -17.97 -3.37
C ILE A 230 22.73 -17.17 -3.16
N LEU A 231 22.67 -16.40 -2.08
CA LEU A 231 21.48 -15.64 -1.77
C LEU A 231 21.34 -14.39 -2.63
N LYS A 232 22.39 -14.05 -3.39
CA LYS A 232 22.45 -12.86 -4.24
C LYS A 232 21.82 -11.63 -3.58
N THR A 233 22.43 -11.24 -2.49
CA THR A 233 22.07 -10.06 -1.77
C THR A 233 22.61 -8.83 -2.50
N GLU A 234 21.99 -7.68 -2.23
CA GLU A 234 22.41 -6.43 -2.85
C GLU A 234 23.19 -5.53 -1.90
N ARG A 235 23.13 -5.78 -0.59
CA ARG A 235 23.90 -5.03 0.39
C ARG A 235 24.40 -5.99 1.46
N LEU A 236 25.54 -5.64 2.05
CA LEU A 236 26.18 -6.46 3.06
C LEU A 236 26.10 -5.76 4.40
N GLY A 237 25.46 -6.40 5.38
CA GLY A 237 25.52 -5.92 6.74
C GLY A 237 26.84 -6.35 7.37
N HIS A 238 27.65 -5.38 7.79
CA HIS A 238 28.98 -5.61 8.38
C HIS A 238 29.89 -6.38 7.41
N GLY A 239 30.27 -5.72 6.31
CA GLY A 239 31.07 -6.44 5.33
C GLY A 239 32.55 -6.53 5.68
N TYR A 240 32.87 -6.48 6.98
CA TYR A 240 34.25 -6.24 7.41
C TYR A 240 35.22 -7.28 6.88
N HIS A 241 34.98 -8.55 7.17
CA HIS A 241 35.96 -9.60 6.85
C HIS A 241 35.98 -9.96 5.38
N THR A 242 35.28 -9.21 4.53
CA THR A 242 35.51 -9.32 3.09
C THR A 242 36.94 -8.96 2.73
N LEU A 243 37.61 -8.14 3.56
CA LEU A 243 38.94 -7.67 3.22
C LEU A 243 40.02 -8.72 3.43
N GLU A 244 39.68 -9.90 3.93
CA GLU A 244 40.63 -10.99 4.04
C GLU A 244 40.73 -11.75 2.74
N ASP A 245 39.78 -11.52 1.83
CA ASP A 245 39.72 -12.13 0.51
C ASP A 245 39.74 -10.94 -0.45
N GLN A 246 40.92 -10.60 -0.94
CA GLN A 246 41.07 -9.42 -1.79
C GLN A 246 40.43 -9.61 -3.15
N ALA A 247 40.46 -10.84 -3.67
CA ALA A 247 39.82 -11.12 -4.95
C ALA A 247 38.32 -10.82 -4.89
N LEU A 248 37.66 -11.32 -3.84
CA LEU A 248 36.24 -11.06 -3.68
C LEU A 248 35.97 -9.58 -3.43
N TYR A 249 36.76 -8.97 -2.54
CA TYR A 249 36.60 -7.55 -2.23
C TYR A 249 36.60 -6.71 -3.50
N ASN A 250 37.65 -6.85 -4.31
CA ASN A 250 37.75 -6.03 -5.51
C ASN A 250 36.69 -6.35 -6.54
N ARG A 251 36.13 -7.57 -6.50
CA ARG A 251 35.02 -7.88 -7.37
C ARG A 251 33.77 -7.10 -6.98
N LEU A 252 33.44 -7.10 -5.67
CA LEU A 252 32.27 -6.36 -5.22
C LEU A 252 32.50 -4.86 -5.34
N ARG A 253 33.74 -4.40 -5.21
CA ARG A 253 34.08 -3.02 -5.51
C ARG A 253 33.76 -2.71 -6.97
N GLN A 254 34.08 -3.64 -7.87
CA GLN A 254 33.83 -3.43 -9.28
C GLN A 254 32.34 -3.52 -9.60
N GLU A 255 31.58 -4.27 -8.80
CA GLU A 255 30.14 -4.39 -8.98
C GLU A 255 29.36 -3.40 -8.10
N ASN A 256 30.05 -2.48 -7.45
CA ASN A 256 29.42 -1.40 -6.67
C ASN A 256 28.51 -1.96 -5.57
N MET A 257 28.97 -3.02 -4.91
CA MET A 257 28.24 -3.55 -3.77
C MET A 257 28.33 -2.58 -2.59
N HIS A 258 27.23 -2.40 -1.89
CA HIS A 258 27.15 -1.46 -0.77
C HIS A 258 27.40 -2.19 0.55
N PHE A 259 28.25 -1.60 1.39
CA PHE A 259 28.60 -2.15 2.69
C PHE A 259 27.96 -1.30 3.79
N GLU A 260 27.25 -1.95 4.71
CA GLU A 260 26.58 -1.27 5.82
C GLU A 260 27.51 -1.26 7.02
N ILE A 261 28.41 -0.27 7.08
CA ILE A 261 29.40 -0.20 8.15
C ILE A 261 28.76 0.28 9.44
N CYS A 262 29.20 -0.29 10.56
CA CYS A 262 28.76 0.11 11.89
C CYS A 262 29.99 0.18 12.78
N PRO A 263 30.69 1.32 12.81
CA PRO A 263 32.01 1.37 13.47
C PRO A 263 31.97 1.04 14.96
N TRP A 264 31.17 1.78 15.73
CA TRP A 264 31.13 1.56 17.18
C TRP A 264 30.59 0.18 17.51
N SER A 265 29.57 -0.27 16.77
CA SER A 265 29.10 -1.65 16.91
C SER A 265 30.22 -2.64 16.65
N SER A 266 31.03 -2.39 15.61
CA SER A 266 32.08 -3.33 15.24
C SER A 266 33.14 -3.47 16.32
N TYR A 267 33.31 -2.45 17.17
CA TYR A 267 34.29 -2.54 18.24
C TYR A 267 33.74 -3.28 19.45
N LEU A 268 32.49 -2.99 19.82
CA LEU A 268 31.93 -3.54 21.04
C LEU A 268 31.62 -5.02 20.89
N THR A 269 31.31 -5.48 19.67
CA THR A 269 30.99 -6.88 19.44
C THR A 269 32.20 -7.74 19.18
N GLY A 270 33.40 -7.17 19.24
CA GLY A 270 34.59 -7.91 18.87
C GLY A 270 34.79 -8.07 17.38
N ALA A 271 33.87 -7.57 16.56
CA ALA A 271 34.01 -7.69 15.11
C ALA A 271 35.32 -7.08 14.64
N TRP A 272 35.72 -5.97 15.24
CA TRP A 272 36.96 -5.28 14.91
C TRP A 272 37.80 -5.13 16.18
N LYS A 273 38.82 -5.97 16.31
CA LYS A 273 39.78 -5.81 17.39
C LYS A 273 40.53 -4.48 17.20
N PRO A 274 40.67 -3.66 18.25
CA PRO A 274 41.15 -2.28 18.07
C PRO A 274 42.60 -2.16 17.61
N ASP A 275 43.37 -3.26 17.59
CA ASP A 275 44.71 -3.22 17.06
C ASP A 275 44.71 -3.24 15.54
N THR A 276 43.59 -3.66 14.95
CA THR A 276 43.50 -3.83 13.50
C THR A 276 43.12 -2.50 12.85
N GLU A 277 43.63 -2.29 11.64
CA GLU A 277 43.06 -1.26 10.79
C GLU A 277 41.60 -1.59 10.55
N HIS A 278 40.71 -0.68 10.91
CA HIS A 278 39.30 -0.94 10.64
C HIS A 278 39.06 -1.06 9.14
N ALA A 279 38.08 -1.89 8.79
CA ALA A 279 37.80 -2.13 7.37
C ALA A 279 37.35 -0.86 6.67
N VAL A 280 36.56 -0.03 7.35
CA VAL A 280 36.00 1.17 6.73
C VAL A 280 37.05 2.15 6.23
N ILE A 281 38.28 2.11 6.77
CA ILE A 281 39.29 3.09 6.36
C ILE A 281 39.64 2.91 4.89
N ARG A 282 40.05 1.70 4.51
CA ARG A 282 40.42 1.53 3.11
C ARG A 282 39.17 1.55 2.23
N LEU A 283 38.01 1.14 2.78
CA LEU A 283 36.79 1.29 2.00
C LEU A 283 36.48 2.76 1.78
N LYS A 284 36.98 3.63 2.66
CA LYS A 284 37.07 5.06 2.36
C LYS A 284 38.20 5.35 1.39
N ASN A 285 39.36 4.73 1.59
CA ASN A 285 40.52 5.00 0.75
C ASN A 285 40.29 4.50 -0.68
N ASP A 286 39.69 3.32 -0.83
CA ASP A 286 39.32 2.82 -2.14
C ASP A 286 38.08 3.48 -2.71
N GLN A 287 37.46 4.40 -1.97
CA GLN A 287 36.23 5.07 -2.39
C GLN A 287 35.14 4.06 -2.75
N ALA A 288 35.00 3.05 -1.90
CA ALA A 288 33.99 2.03 -2.12
C ALA A 288 32.60 2.59 -1.79
N ASN A 289 31.60 1.71 -1.85
CA ASN A 289 30.22 2.08 -1.61
C ASN A 289 29.86 1.61 -0.21
N TYR A 290 29.68 2.55 0.71
CA TYR A 290 29.43 2.19 2.10
C TYR A 290 28.67 3.31 2.80
N SER A 291 28.13 2.99 3.97
CA SER A 291 27.40 3.93 4.80
C SER A 291 27.78 3.71 6.26
N LEU A 292 27.40 4.65 7.11
CA LEU A 292 27.68 4.59 8.54
C LEU A 292 26.37 4.42 9.29
N ASN A 293 26.35 3.48 10.25
CA ASN A 293 25.13 3.11 10.92
C ASN A 293 25.41 2.86 12.39
N THR A 294 24.34 2.79 13.18
CA THR A 294 24.42 2.58 14.62
C THR A 294 24.30 1.12 15.01
N ASP A 295 23.67 0.30 14.16
CA ASP A 295 23.27 -1.07 14.48
C ASP A 295 22.25 -1.04 15.61
N ASP A 296 22.69 -1.07 16.88
CA ASP A 296 21.78 -1.10 18.03
C ASP A 296 22.21 -0.09 19.11
N PRO A 297 21.70 1.14 19.04
CA PRO A 297 22.17 2.18 19.99
C PRO A 297 21.82 1.94 21.44
N LEU A 298 20.72 1.27 21.74
CA LEU A 298 20.40 1.01 23.14
C LEU A 298 21.45 0.10 23.76
N ILE A 299 21.82 -0.94 23.02
CA ILE A 299 22.73 -1.93 23.56
C ILE A 299 24.19 -1.45 23.49
N PHE A 300 24.51 -0.56 22.55
CA PHE A 300 25.84 0.00 22.45
C PHE A 300 25.98 1.36 23.14
N LYS A 301 24.92 1.84 23.79
CA LYS A 301 24.92 3.15 24.44
C LYS A 301 25.39 4.26 23.50
N SER A 302 24.88 4.23 22.27
CA SER A 302 25.40 5.05 21.20
C SER A 302 24.30 5.94 20.63
N THR A 303 24.72 6.94 19.86
CA THR A 303 23.88 7.61 18.87
C THR A 303 24.65 7.60 17.56
N LEU A 304 24.06 8.18 16.51
CA LEU A 304 24.75 8.13 15.23
C LEU A 304 25.93 9.07 15.21
N ASP A 305 25.97 10.03 16.14
CA ASP A 305 27.14 10.89 16.25
C ASP A 305 28.30 10.17 16.92
N THR A 306 28.03 9.16 17.75
CA THR A 306 29.08 8.28 18.24
C THR A 306 29.82 7.60 17.09
N ASP A 307 29.07 7.05 16.12
CA ASP A 307 29.71 6.38 14.99
C ASP A 307 30.39 7.38 14.06
N TYR A 308 29.94 8.63 14.02
CA TYR A 308 30.54 9.60 13.13
C TYR A 308 31.83 10.19 13.71
N GLN A 309 31.87 10.41 15.03
CA GLN A 309 33.09 10.88 15.66
C GLN A 309 34.12 9.78 15.88
N MET A 310 33.70 8.52 15.86
CA MET A 310 34.68 7.43 15.85
C MET A 310 35.48 7.47 14.56
N THR A 311 34.79 7.65 13.43
CA THR A 311 35.48 7.88 12.16
C THR A 311 36.35 9.12 12.22
N LYS A 312 35.80 10.22 12.73
CA LYS A 312 36.42 11.53 12.49
C LYS A 312 37.78 11.68 13.17
N ARG A 313 37.86 11.45 14.47
CA ARG A 313 39.14 11.70 15.14
C ARG A 313 40.06 10.47 15.04
N ASP A 314 39.49 9.27 14.82
CA ASP A 314 40.27 8.04 14.91
C ASP A 314 40.58 7.41 13.57
N MET A 315 39.84 7.74 12.52
CA MET A 315 40.05 7.12 11.22
C MET A 315 40.23 8.15 10.11
N GLY A 316 40.28 9.43 10.43
CA GLY A 316 40.52 10.46 9.44
C GLY A 316 39.43 10.63 8.40
N PHE A 317 38.18 10.74 8.87
CA PHE A 317 37.07 11.06 7.97
C PHE A 317 36.85 12.57 7.93
N THR A 318 36.37 13.04 6.79
CA THR A 318 36.18 14.47 6.56
C THR A 318 34.74 14.75 6.17
N GLU A 319 34.36 16.02 6.26
CA GLU A 319 33.04 16.44 5.81
C GLU A 319 32.82 16.06 4.34
N GLU A 320 33.82 16.28 3.50
CA GLU A 320 33.77 15.84 2.11
C GLU A 320 33.39 14.37 2.01
N GLU A 321 34.10 13.50 2.74
CA GLU A 321 33.82 12.08 2.72
C GLU A 321 32.46 11.74 3.34
N PHE A 322 32.04 12.51 4.36
CA PHE A 322 30.72 12.29 4.95
C PHE A 322 29.60 12.58 3.97
N LYS A 323 29.79 13.57 3.10
CA LYS A 323 28.80 13.86 2.06
C LYS A 323 28.71 12.71 1.07
N ARG A 324 29.86 12.17 0.64
CA ARG A 324 29.86 11.16 -0.40
C ARG A 324 29.22 9.86 0.07
N LEU A 325 29.52 9.44 1.30
CA LEU A 325 28.97 8.18 1.79
C LEU A 325 27.46 8.26 2.01
N ASN A 326 26.94 9.43 2.41
CA ASN A 326 25.51 9.55 2.62
C ASN A 326 24.76 9.64 1.29
N ILE A 327 25.39 10.15 0.24
CA ILE A 327 24.76 10.13 -1.07
C ILE A 327 24.79 8.73 -1.65
N ASN A 328 25.87 7.99 -1.39
CA ASN A 328 25.93 6.59 -1.80
C ASN A 328 24.91 5.75 -1.04
N ALA A 329 24.71 6.06 0.25
CA ALA A 329 23.66 5.40 1.00
C ALA A 329 22.30 5.70 0.38
N ALA A 330 22.12 6.91 -0.14
CA ALA A 330 20.86 7.31 -0.73
C ALA A 330 20.59 6.62 -2.06
N LYS A 331 21.63 6.34 -2.86
CA LYS A 331 21.39 5.59 -4.09
C LYS A 331 21.66 4.10 -3.96
N SER A 332 22.00 3.63 -2.76
CA SER A 332 21.87 2.21 -2.44
C SER A 332 20.73 1.95 -1.47
N SER A 333 19.85 2.92 -1.30
CA SER A 333 18.63 2.70 -0.54
C SER A 333 17.72 1.75 -1.31
N PHE A 334 16.70 1.24 -0.59
CA PHE A 334 15.72 0.35 -1.19
C PHE A 334 14.43 1.10 -1.54
N LEU A 335 14.48 2.43 -1.55
CA LEU A 335 13.34 3.21 -1.99
C LEU A 335 13.16 3.02 -3.49
N PRO A 336 11.94 3.25 -3.99
CA PRO A 336 11.77 3.26 -5.44
C PRO A 336 12.48 4.46 -6.06
N GLU A 337 13.15 4.24 -7.19
CA GLU A 337 13.37 5.31 -8.17
C GLU A 337 12.68 6.67 -8.04
N ASP A 338 11.39 6.84 -7.74
CA ASP A 338 10.94 8.23 -7.64
C ASP A 338 11.32 8.84 -6.30
N GLU A 339 11.06 8.12 -5.20
CA GLU A 339 11.39 8.64 -3.89
C GLU A 339 12.90 8.69 -3.63
N LYS A 340 13.67 7.72 -4.14
CA LYS A 340 15.12 7.77 -3.96
C LYS A 340 15.72 8.94 -4.74
N ARG A 341 15.07 9.36 -5.84
CA ARG A 341 15.53 10.57 -6.50
C ARG A 341 15.17 11.79 -5.66
N GLU A 342 13.95 11.81 -5.12
CA GLU A 342 13.52 12.91 -4.28
C GLU A 342 14.41 13.02 -3.03
N LEU A 343 14.92 11.88 -2.54
CA LEU A 343 15.84 11.93 -1.40
C LEU A 343 17.21 12.44 -1.82
N LEU A 344 17.66 12.06 -3.01
CA LEU A 344 18.93 12.57 -3.53
C LEU A 344 18.87 14.09 -3.71
N ASP A 345 17.69 14.62 -4.07
CA ASP A 345 17.57 16.06 -4.24
C ASP A 345 17.53 16.79 -2.91
N LEU A 346 17.05 16.12 -1.86
CA LEU A 346 17.18 16.64 -0.51
C LEU A 346 18.65 16.76 -0.10
N LEU A 347 19.42 15.70 -0.31
CA LEU A 347 20.83 15.74 0.08
C LEU A 347 21.64 16.64 -0.84
N TYR A 348 21.30 16.67 -2.13
CA TYR A 348 21.94 17.62 -3.03
C TYR A 348 21.69 19.05 -2.55
N LYS A 349 20.47 19.32 -2.10
CA LYS A 349 20.14 20.69 -1.73
C LYS A 349 20.83 21.11 -0.45
N ALA A 350 21.07 20.17 0.46
CA ALA A 350 21.69 20.45 1.74
C ALA A 350 23.22 20.40 1.71
N TYR A 351 23.80 19.76 0.71
CA TYR A 351 25.25 19.56 0.70
C TYR A 351 26.01 20.58 -0.14
N GLY A 352 25.33 21.45 -0.88
CA GLY A 352 26.04 22.42 -1.68
C GLY A 352 26.58 21.84 -2.98
N MET A 353 25.74 21.11 -3.71
CA MET A 353 26.17 20.49 -4.95
C MET A 353 25.21 20.84 -6.10
N PRO B 5 -28.75 -15.22 -22.57
CA PRO B 5 -27.87 -14.06 -22.78
C PRO B 5 -28.48 -13.05 -23.75
N ALA B 6 -28.87 -11.88 -23.23
CA ALA B 6 -29.58 -10.91 -24.05
C ALA B 6 -28.72 -10.41 -25.20
N PHE B 7 -27.41 -10.26 -24.97
CA PHE B 7 -26.49 -9.72 -25.97
C PHE B 7 -25.16 -10.44 -25.80
N ASP B 8 -24.93 -11.47 -26.61
CA ASP B 8 -23.74 -12.34 -26.45
C ASP B 8 -22.56 -11.88 -27.29
N LYS B 9 -22.37 -10.59 -27.45
CA LYS B 9 -21.16 -10.10 -28.10
C LYS B 9 -20.45 -9.17 -27.11
N PRO B 10 -19.20 -8.77 -27.35
CA PRO B 10 -18.48 -7.98 -26.34
C PRO B 10 -19.22 -6.71 -25.92
N LYS B 11 -19.25 -6.48 -24.61
CA LYS B 11 -19.88 -5.31 -24.02
C LYS B 11 -18.84 -4.44 -23.33
N VAL B 12 -19.27 -3.25 -22.93
CA VAL B 12 -18.44 -2.31 -22.18
C VAL B 12 -19.23 -1.87 -20.95
N GLU B 13 -18.54 -1.71 -19.83
CA GLU B 13 -19.14 -1.21 -18.61
C GLU B 13 -18.35 -0.03 -18.10
N LEU B 14 -19.04 1.10 -17.89
CA LEU B 14 -18.40 2.33 -17.42
C LEU B 14 -18.81 2.74 -16.01
N HIS B 15 -19.96 2.26 -15.53
CA HIS B 15 -20.49 2.64 -14.22
C HIS B 15 -20.73 1.36 -13.41
N VAL B 16 -19.73 0.96 -12.62
CA VAL B 16 -19.89 -0.13 -11.68
C VAL B 16 -18.95 0.11 -10.51
N HIS B 17 -19.46 -0.07 -9.30
CA HIS B 17 -18.70 0.20 -8.09
C HIS B 17 -18.08 -1.09 -7.58
N LEU B 18 -16.79 -1.02 -7.22
CA LEU B 18 -16.15 -2.17 -6.59
C LEU B 18 -16.78 -2.47 -5.24
N ASP B 19 -17.16 -1.42 -4.50
CA ASP B 19 -17.89 -1.58 -3.25
C ASP B 19 -19.07 -2.54 -3.39
N GLY B 20 -19.87 -2.38 -4.44
CA GLY B 20 -21.08 -3.17 -4.57
C GLY B 20 -21.05 -4.29 -5.58
N SER B 21 -19.86 -4.84 -5.82
CA SER B 21 -19.70 -6.06 -6.61
C SER B 21 -18.59 -6.90 -5.99
N ILE B 22 -18.66 -7.11 -4.70
CA ILE B 22 -17.71 -7.95 -4.01
C ILE B 22 -18.31 -9.33 -4.08
N LYS B 23 -17.51 -10.40 -4.19
CA LYS B 23 -18.18 -11.68 -4.32
C LYS B 23 -18.72 -11.85 -2.93
N PRO B 24 -19.98 -12.02 -2.77
CA PRO B 24 -20.45 -12.02 -1.41
C PRO B 24 -19.93 -13.23 -0.68
N GLU B 25 -19.03 -14.04 -1.28
CA GLU B 25 -18.70 -15.22 -0.51
C GLU B 25 -17.28 -14.90 0.01
N THR B 26 -16.68 -13.84 -0.56
CA THR B 26 -15.41 -13.28 -0.07
C THR B 26 -15.59 -12.41 1.18
N ILE B 27 -16.70 -11.69 1.26
CA ILE B 27 -17.00 -10.86 2.42
C ILE B 27 -17.04 -11.71 3.67
N LEU B 28 -17.62 -12.91 3.57
CA LEU B 28 -17.75 -13.75 4.75
C LEU B 28 -16.40 -14.32 5.16
N TYR B 29 -15.53 -14.57 4.19
CA TYR B 29 -14.22 -15.12 4.47
C TYR B 29 -13.38 -14.16 5.31
N TYR B 30 -13.47 -12.86 5.02
CA TYR B 30 -12.66 -11.88 5.75
C TYR B 30 -13.31 -11.48 7.07
N GLY B 31 -14.64 -11.56 7.16
CA GLY B 31 -15.30 -11.39 8.44
C GLY B 31 -14.83 -12.38 9.50
N ARG B 32 -14.52 -13.62 9.09
CA ARG B 32 -14.02 -14.61 10.02
C ARG B 32 -12.58 -14.33 10.43
N ARG B 33 -11.70 -14.16 9.44
CA ARG B 33 -10.27 -13.97 9.65
C ARG B 33 -9.89 -12.61 10.18
N ARG B 34 -10.81 -11.64 10.16
CA ARG B 34 -10.56 -10.39 10.86
C ARG B 34 -11.37 -10.27 12.12
N GLY B 35 -12.19 -11.29 12.44
CA GLY B 35 -13.03 -11.23 13.61
C GLY B 35 -13.97 -10.03 13.57
N ILE B 36 -14.74 -9.91 12.48
CA ILE B 36 -15.60 -8.77 12.25
C ILE B 36 -17.04 -9.26 12.26
N ALA B 37 -17.90 -8.55 12.99
CA ALA B 37 -19.29 -8.93 13.20
C ALA B 37 -20.11 -8.71 11.93
N LEU B 38 -20.47 -9.82 11.23
CA LEU B 38 -21.36 -9.74 10.09
C LEU B 38 -22.78 -10.17 10.46
N PRO B 39 -23.80 -9.61 9.80
CA PRO B 39 -25.19 -9.93 10.19
C PRO B 39 -25.63 -11.33 9.81
N ALA B 40 -24.76 -12.15 9.25
CA ALA B 40 -25.08 -13.52 8.87
C ALA B 40 -23.79 -14.26 8.60
N ASN B 41 -23.83 -15.58 8.79
CA ASN B 41 -22.71 -16.45 8.48
C ASN B 41 -22.92 -17.20 7.17
N THR B 42 -24.02 -16.92 6.47
CA THR B 42 -24.46 -17.65 5.30
C THR B 42 -24.49 -16.71 4.11
N ALA B 43 -23.87 -17.13 3.01
CA ALA B 43 -23.97 -16.38 1.76
C ALA B 43 -25.43 -16.09 1.42
N GLU B 44 -26.28 -17.12 1.51
CA GLU B 44 -27.70 -16.92 1.20
C GLU B 44 -28.38 -16.02 2.21
N GLY B 45 -27.96 -16.09 3.47
CA GLY B 45 -28.51 -15.20 4.47
C GLY B 45 -27.90 -13.82 4.49
N LEU B 46 -26.63 -13.72 4.09
CA LEU B 46 -26.02 -12.39 4.00
C LEU B 46 -26.71 -11.53 2.94
N LEU B 47 -26.90 -12.08 1.74
CA LEU B 47 -27.53 -11.31 0.68
C LEU B 47 -29.01 -11.08 0.91
N ASN B 48 -29.60 -11.74 1.91
CA ASN B 48 -30.97 -11.43 2.28
C ASN B 48 -31.01 -10.24 3.23
N VAL B 49 -29.94 -10.03 4.00
CA VAL B 49 -29.84 -8.83 4.84
C VAL B 49 -29.42 -7.62 4.01
N ILE B 50 -28.39 -7.77 3.19
CA ILE B 50 -27.82 -6.63 2.45
C ILE B 50 -28.54 -6.41 1.13
N GLY B 51 -28.94 -7.49 0.45
CA GLY B 51 -29.59 -7.35 -0.83
C GLY B 51 -30.95 -6.69 -0.72
N MET B 52 -31.35 -6.04 -1.80
CA MET B 52 -32.64 -5.36 -1.87
C MET B 52 -33.56 -6.14 -2.80
N ASP B 53 -34.77 -6.39 -2.33
CA ASP B 53 -35.76 -7.15 -3.08
C ASP B 53 -36.82 -6.26 -3.71
N LYS B 54 -37.20 -5.17 -3.04
CA LYS B 54 -38.20 -4.23 -3.55
C LYS B 54 -37.58 -2.84 -3.59
N PRO B 55 -38.20 -1.87 -4.27
CA PRO B 55 -37.64 -0.52 -4.29
C PRO B 55 -37.63 0.14 -2.91
N LEU B 56 -36.52 0.80 -2.61
CA LEU B 56 -36.41 1.68 -1.44
C LEU B 56 -35.93 3.06 -1.85
N THR B 57 -35.26 3.75 -0.94
CA THR B 57 -34.62 5.03 -1.22
C THR B 57 -33.11 4.90 -1.16
N LEU B 58 -32.42 5.85 -1.81
CA LEU B 58 -30.97 5.84 -1.94
C LEU B 58 -30.28 6.00 -0.57
N PRO B 59 -30.73 6.91 0.30
CA PRO B 59 -30.17 6.90 1.67
C PRO B 59 -30.28 5.54 2.35
N ASP B 60 -31.33 4.77 2.07
CA ASP B 60 -31.43 3.43 2.63
C ASP B 60 -30.59 2.43 1.85
N PHE B 61 -30.51 2.59 0.53
CA PHE B 61 -29.62 1.76 -0.27
C PHE B 61 -28.17 1.97 0.15
N LEU B 62 -27.77 3.23 0.35
CA LEU B 62 -26.43 3.52 0.83
C LEU B 62 -26.20 2.98 2.23
N ALA B 63 -27.28 2.83 3.02
CA ALA B 63 -27.14 2.28 4.36
C ALA B 63 -26.71 0.82 4.32
N LYS B 64 -27.12 0.07 3.28
CA LYS B 64 -26.80 -1.35 3.20
C LYS B 64 -25.30 -1.61 3.28
N PHE B 65 -24.48 -0.63 2.92
CA PHE B 65 -23.04 -0.84 2.93
C PHE B 65 -22.50 -1.02 4.34
N ASP B 66 -23.16 -0.42 5.34
CA ASP B 66 -22.72 -0.56 6.73
C ASP B 66 -22.74 -2.01 7.21
N TYR B 67 -23.43 -2.90 6.49
CA TYR B 67 -23.53 -4.28 6.94
C TYR B 67 -22.20 -5.03 6.75
N TYR B 68 -21.58 -4.88 5.59
CA TYR B 68 -20.45 -5.73 5.20
C TYR B 68 -19.15 -4.99 4.99
N MET B 69 -19.17 -3.66 4.83
CA MET B 69 -17.93 -2.94 4.57
C MET B 69 -16.89 -3.02 5.69
N PRO B 70 -17.24 -3.12 6.98
CA PRO B 70 -16.18 -3.32 7.99
C PRO B 70 -15.31 -4.54 7.73
N ALA B 71 -15.84 -5.57 7.06
CA ALA B 71 -15.04 -6.75 6.77
C ALA B 71 -14.03 -6.50 5.65
N ILE B 72 -14.34 -5.59 4.73
CA ILE B 72 -13.48 -5.32 3.59
C ILE B 72 -12.44 -4.26 3.90
N ALA B 73 -12.91 -3.09 4.32
CA ALA B 73 -12.05 -1.93 4.51
C ALA B 73 -10.99 -2.18 5.57
N GLY B 74 -9.79 -1.64 5.34
CA GLY B 74 -8.70 -1.76 6.27
C GLY B 74 -7.89 -3.04 6.18
N CYS B 75 -8.24 -3.94 5.25
CA CYS B 75 -7.48 -5.17 5.05
C CYS B 75 -6.89 -5.16 3.65
N ARG B 76 -5.57 -5.10 3.57
CA ARG B 76 -4.90 -4.94 2.28
C ARG B 76 -4.98 -6.20 1.44
N GLU B 77 -4.98 -7.37 2.08
CA GLU B 77 -5.14 -8.62 1.34
C GLU B 77 -6.54 -8.70 0.73
N ALA B 78 -7.55 -8.22 1.45
CA ALA B 78 -8.91 -8.25 0.93
C ALA B 78 -9.09 -7.25 -0.21
N ILE B 79 -8.40 -6.10 -0.15
CA ILE B 79 -8.56 -5.08 -1.18
C ILE B 79 -8.11 -5.63 -2.53
N LYS B 80 -6.94 -6.28 -2.56
CA LYS B 80 -6.42 -6.78 -3.83
C LYS B 80 -7.27 -7.92 -4.37
N ARG B 81 -7.75 -8.81 -3.50
CA ARG B 81 -8.53 -9.95 -3.97
C ARG B 81 -9.81 -9.51 -4.66
N ILE B 82 -10.55 -8.57 -4.06
CA ILE B 82 -11.80 -8.13 -4.67
C ILE B 82 -11.54 -7.41 -5.98
N ALA B 83 -10.40 -6.74 -6.11
CA ALA B 83 -10.01 -6.19 -7.40
C ALA B 83 -9.74 -7.30 -8.40
N TYR B 84 -8.90 -8.26 -8.01
CA TYR B 84 -8.62 -9.42 -8.87
C TYR B 84 -9.90 -10.17 -9.21
N GLU B 85 -10.75 -10.42 -8.20
CA GLU B 85 -11.95 -11.21 -8.44
C GLU B 85 -12.97 -10.45 -9.27
N PHE B 86 -12.99 -9.12 -9.16
CA PHE B 86 -13.88 -8.31 -9.99
C PHE B 86 -13.56 -8.46 -11.46
N VAL B 87 -12.27 -8.44 -11.81
CA VAL B 87 -11.88 -8.53 -13.22
C VAL B 87 -12.22 -9.90 -13.77
N GLU B 88 -11.88 -10.95 -13.02
CA GLU B 88 -12.40 -12.29 -13.29
C GLU B 88 -13.91 -12.26 -13.52
N MET B 89 -14.65 -11.79 -12.52
CA MET B 89 -16.10 -11.64 -12.59
C MET B 89 -16.57 -11.08 -13.93
N LYS B 90 -16.04 -9.92 -14.32
CA LYS B 90 -16.48 -9.28 -15.56
C LYS B 90 -16.11 -10.10 -16.78
N ALA B 91 -14.98 -10.83 -16.75
CA ALA B 91 -14.52 -11.57 -17.92
C ALA B 91 -15.52 -12.65 -18.33
N LYS B 92 -15.93 -13.49 -17.39
CA LYS B 92 -16.89 -14.55 -17.62
C LYS B 92 -18.23 -14.01 -18.12
N GLU B 93 -18.39 -12.68 -18.06
CA GLU B 93 -19.69 -12.02 -18.07
C GLU B 93 -19.87 -11.18 -19.34
N GLY B 94 -18.97 -11.31 -20.31
CA GLY B 94 -19.11 -10.70 -21.63
C GLY B 94 -18.64 -9.27 -21.73
N VAL B 95 -17.71 -8.86 -20.88
CA VAL B 95 -17.17 -7.50 -20.85
C VAL B 95 -15.77 -7.55 -21.43
N VAL B 96 -15.45 -6.63 -22.35
CA VAL B 96 -14.07 -6.51 -22.82
C VAL B 96 -13.36 -5.28 -22.22
N TYR B 97 -14.12 -4.27 -21.78
CA TYR B 97 -13.57 -3.09 -21.11
C TYR B 97 -14.49 -2.70 -19.98
N VAL B 98 -13.90 -2.42 -18.81
CA VAL B 98 -14.68 -2.07 -17.62
C VAL B 98 -13.93 -0.98 -16.86
N GLU B 99 -14.63 0.09 -16.50
CA GLU B 99 -14.11 1.09 -15.59
C GLU B 99 -14.80 0.91 -14.25
N VAL B 100 -14.02 0.56 -13.22
CA VAL B 100 -14.55 0.22 -11.91
C VAL B 100 -14.26 1.38 -10.97
N ARG B 101 -15.28 1.84 -10.26
CA ARG B 101 -15.15 3.05 -9.47
C ARG B 101 -15.32 2.75 -7.98
N TYR B 102 -14.65 3.55 -7.15
CA TYR B 102 -14.60 3.29 -5.71
C TYR B 102 -14.00 4.48 -4.99
N SER B 103 -14.32 4.60 -3.71
CA SER B 103 -13.78 5.67 -2.87
C SER B 103 -12.55 5.14 -2.15
N PRO B 104 -11.35 5.63 -2.46
CA PRO B 104 -10.16 5.16 -1.74
C PRO B 104 -10.20 5.45 -0.26
N HIS B 105 -10.94 6.48 0.16
CA HIS B 105 -11.04 6.78 1.58
C HIS B 105 -11.91 5.77 2.31
N LEU B 106 -12.96 5.27 1.65
CA LEU B 106 -13.88 4.33 2.30
C LEU B 106 -13.28 2.94 2.46
N LEU B 107 -12.14 2.66 1.85
CA LEU B 107 -11.43 1.41 2.08
C LEU B 107 -10.26 1.53 3.06
N ALA B 108 -9.86 2.76 3.41
CA ALA B 108 -8.71 2.98 4.25
C ALA B 108 -9.06 2.97 5.74
N ASN B 109 -8.01 2.96 6.56
CA ASN B 109 -8.14 3.10 8.02
C ASN B 109 -7.07 4.03 8.59
N SER B 110 -6.25 4.66 7.76
N SER B 110 -6.26 4.67 7.75
CA SER B 110 -5.27 5.62 8.24
CA SER B 110 -5.25 5.60 8.23
C SER B 110 -5.15 6.75 7.22
C SER B 110 -5.14 6.74 7.22
N LYS B 111 -4.69 7.90 7.70
CA LYS B 111 -4.72 9.13 6.92
C LYS B 111 -6.09 9.38 6.30
N VAL B 112 -7.12 9.19 7.12
CA VAL B 112 -8.49 9.51 6.76
C VAL B 112 -9.18 10.07 8.00
N GLU B 113 -9.74 11.28 7.87
CA GLU B 113 -10.66 11.81 8.85
C GLU B 113 -12.01 12.05 8.18
N PRO B 114 -13.10 11.46 8.68
CA PRO B 114 -13.06 10.51 9.80
C PRO B 114 -12.91 9.06 9.33
N ILE B 115 -12.47 8.20 10.23
CA ILE B 115 -12.30 6.77 9.95
C ILE B 115 -13.64 6.15 9.62
N PRO B 116 -13.84 5.66 8.39
CA PRO B 116 -15.16 5.14 8.00
C PRO B 116 -15.44 3.79 8.62
N TRP B 117 -16.71 3.39 8.54
CA TRP B 117 -17.17 2.07 8.97
C TRP B 117 -16.81 1.77 10.42
N ASN B 118 -16.64 2.82 11.21
CA ASN B 118 -16.36 2.71 12.65
C ASN B 118 -15.17 1.79 12.91
N GLN B 119 -14.18 1.84 12.03
CA GLN B 119 -12.99 1.01 12.18
C GLN B 119 -12.09 1.56 13.28
N ALA B 120 -11.10 0.74 13.64
CA ALA B 120 -10.01 1.17 14.49
C ALA B 120 -8.86 1.69 13.63
N GLU B 121 -8.11 2.63 14.18
CA GLU B 121 -7.03 3.26 13.43
C GLU B 121 -5.96 2.22 13.09
N GLY B 122 -5.53 2.22 11.82
CA GLY B 122 -4.57 1.24 11.37
C GLY B 122 -3.44 1.80 10.54
N ASP B 123 -3.12 1.13 9.42
CA ASP B 123 -2.00 1.53 8.60
C ASP B 123 -2.32 1.53 7.10
N LEU B 124 -3.57 1.32 6.71
CA LEU B 124 -3.96 1.31 5.31
C LEU B 124 -4.37 2.73 4.92
N THR B 125 -3.57 3.35 4.05
CA THR B 125 -3.76 4.71 3.57
C THR B 125 -4.53 4.71 2.25
N PRO B 126 -5.30 5.77 2.00
CA PRO B 126 -5.96 5.89 0.68
C PRO B 126 -4.97 5.77 -0.47
N ASP B 127 -3.76 6.27 -0.29
CA ASP B 127 -2.73 6.15 -1.31
C ASP B 127 -2.31 4.69 -1.49
N GLU B 128 -2.44 3.89 -0.44
CA GLU B 128 -2.11 2.47 -0.59
C GLU B 128 -3.24 1.67 -1.21
N VAL B 129 -4.48 2.03 -0.91
CA VAL B 129 -5.60 1.30 -1.49
C VAL B 129 -5.61 1.47 -3.01
N VAL B 130 -5.27 2.65 -3.49
CA VAL B 130 -5.23 2.88 -4.93
C VAL B 130 -4.11 2.04 -5.56
N ALA B 131 -3.01 1.84 -4.86
CA ALA B 131 -1.93 1.01 -5.37
C ALA B 131 -2.27 -0.48 -5.34
N LEU B 132 -3.17 -0.90 -4.46
CA LEU B 132 -3.55 -2.31 -4.33
C LEU B 132 -4.67 -2.71 -5.28
N VAL B 133 -5.68 -1.85 -5.45
CA VAL B 133 -6.74 -2.13 -6.42
C VAL B 133 -6.14 -2.20 -7.82
N GLY B 134 -5.30 -1.21 -8.16
CA GLY B 134 -4.67 -1.21 -9.47
C GLY B 134 -3.85 -2.45 -9.74
N GLN B 135 -3.16 -2.95 -8.71
CA GLN B 135 -2.42 -4.20 -8.87
C GLN B 135 -3.38 -5.36 -9.09
N GLY B 136 -4.47 -5.41 -8.31
CA GLY B 136 -5.47 -6.44 -8.51
C GLY B 136 -6.11 -6.39 -9.88
N LEU B 137 -6.40 -5.17 -10.36
CA LEU B 137 -6.94 -5.04 -11.70
C LEU B 137 -5.93 -5.49 -12.76
N GLN B 138 -4.67 -5.11 -12.60
CA GLN B 138 -3.65 -5.51 -13.55
C GLN B 138 -3.39 -7.01 -13.50
N GLU B 139 -3.18 -7.55 -12.30
CA GLU B 139 -2.92 -8.98 -12.17
C GLU B 139 -4.13 -9.81 -12.61
N GLY B 140 -5.34 -9.32 -12.33
CA GLY B 140 -6.53 -10.02 -12.77
C GLY B 140 -6.66 -10.03 -14.29
N GLU B 141 -6.55 -8.85 -14.90
CA GLU B 141 -6.65 -8.74 -16.35
C GLU B 141 -5.75 -9.69 -17.10
N ARG B 142 -4.46 -9.72 -16.74
CA ARG B 142 -3.49 -10.54 -17.45
C ARG B 142 -3.76 -12.05 -17.24
N ASP B 143 -4.61 -12.38 -16.28
CA ASP B 143 -5.12 -13.74 -16.12
C ASP B 143 -6.38 -14.03 -16.97
N PHE B 144 -7.24 -13.03 -17.18
CA PHE B 144 -8.55 -13.26 -17.77
C PHE B 144 -8.85 -12.49 -19.03
N GLY B 145 -7.99 -11.55 -19.45
CA GLY B 145 -8.21 -10.81 -20.67
C GLY B 145 -9.46 -9.95 -20.69
N VAL B 146 -9.57 -9.05 -19.71
CA VAL B 146 -10.64 -8.06 -19.67
C VAL B 146 -10.06 -6.77 -19.14
N LYS B 147 -10.15 -5.70 -19.92
CA LYS B 147 -9.49 -4.45 -19.55
C LYS B 147 -10.31 -3.70 -18.52
N ALA B 148 -9.68 -3.46 -17.37
CA ALA B 148 -10.36 -2.96 -16.18
C ALA B 148 -9.53 -1.81 -15.65
N ARG B 149 -10.12 -0.64 -15.56
CA ARG B 149 -9.34 0.49 -15.13
C ARG B 149 -10.14 1.36 -14.16
N SER B 150 -9.44 1.88 -13.14
CA SER B 150 -10.02 2.56 -12.00
C SER B 150 -10.58 3.96 -12.31
N ILE B 151 -11.62 4.31 -11.55
CA ILE B 151 -12.03 5.69 -11.31
C ILE B 151 -12.13 5.91 -9.80
N LEU B 152 -11.59 7.04 -9.31
CA LEU B 152 -11.61 7.34 -7.88
C LEU B 152 -12.74 8.30 -7.56
N CYS B 153 -13.66 7.88 -6.68
CA CYS B 153 -14.85 8.65 -6.36
C CYS B 153 -14.67 9.54 -5.14
N CYS B 154 -15.18 10.77 -5.25
CA CYS B 154 -15.41 11.62 -4.09
C CYS B 154 -16.78 11.32 -3.51
N MET B 155 -16.90 11.51 -2.20
CA MET B 155 -18.19 11.37 -1.52
C MET B 155 -18.78 12.75 -1.30
N ARG B 156 -20.06 12.91 -1.66
CA ARG B 156 -20.71 14.21 -1.53
C ARG B 156 -20.77 14.68 -0.08
N HIS B 157 -20.74 13.76 0.88
CA HIS B 157 -20.84 14.13 2.29
C HIS B 157 -19.50 14.51 2.92
N GLN B 158 -18.38 14.16 2.28
CA GLN B 158 -17.05 14.49 2.78
C GLN B 158 -16.32 15.28 1.70
N PRO B 159 -16.60 16.59 1.59
CA PRO B 159 -15.83 17.40 0.64
C PRO B 159 -14.38 17.57 1.02
N ASN B 160 -14.04 17.38 2.30
CA ASN B 160 -12.64 17.50 2.72
C ASN B 160 -11.78 16.38 2.15
N TRP B 161 -12.38 15.27 1.72
CA TRP B 161 -11.64 14.19 1.10
C TRP B 161 -11.27 14.52 -0.34
N SER B 162 -12.17 15.20 -1.05
CA SER B 162 -12.04 15.31 -2.50
C SER B 162 -10.77 16.02 -2.98
N PRO B 163 -10.16 16.96 -2.26
CA PRO B 163 -8.84 17.44 -2.70
C PRO B 163 -7.78 16.36 -2.72
N LYS B 164 -7.85 15.38 -1.80
CA LYS B 164 -6.83 14.34 -1.77
C LYS B 164 -7.00 13.33 -2.89
N VAL B 165 -8.22 13.10 -3.37
CA VAL B 165 -8.44 12.07 -4.38
C VAL B 165 -7.91 12.52 -5.75
N VAL B 166 -8.17 13.78 -6.13
CA VAL B 166 -7.60 14.32 -7.37
C VAL B 166 -6.10 14.08 -7.40
N GLU B 167 -5.40 14.47 -6.34
CA GLU B 167 -3.96 14.25 -6.28
C GLU B 167 -3.63 12.77 -6.44
N LEU B 168 -4.44 11.90 -5.83
CA LEU B 168 -4.27 10.47 -6.03
C LEU B 168 -4.51 10.08 -7.49
N CYS B 169 -5.56 10.62 -8.10
CA CYS B 169 -5.80 10.45 -9.53
C CYS B 169 -4.57 10.84 -10.35
N LYS B 170 -3.77 11.79 -9.86
CA LYS B 170 -2.61 12.28 -10.60
C LYS B 170 -1.36 11.47 -10.33
N LYS B 171 -1.13 11.06 -9.08
CA LYS B 171 0.04 10.23 -8.78
C LYS B 171 -0.08 8.87 -9.45
N TYR B 172 -1.27 8.29 -9.46
CA TYR B 172 -1.50 6.98 -10.06
C TYR B 172 -2.11 7.09 -11.46
N GLN B 173 -1.93 8.23 -12.13
CA GLN B 173 -2.43 8.40 -13.48
C GLN B 173 -1.79 7.40 -14.41
N GLN B 174 -0.53 7.04 -14.14
CA GLN B 174 0.16 6.05 -14.95
C GLN B 174 -0.05 4.60 -14.43
N GLN B 175 -1.00 4.33 -13.51
CA GLN B 175 -1.48 2.94 -13.39
C GLN B 175 -2.81 2.77 -14.00
N THR B 176 -3.89 2.75 -13.20
CA THR B 176 -5.23 2.34 -13.50
C THR B 176 -6.19 3.50 -13.52
N VAL B 177 -5.77 4.68 -13.09
CA VAL B 177 -6.68 5.77 -12.87
C VAL B 177 -6.84 6.54 -14.16
N VAL B 178 -8.09 6.71 -14.56
CA VAL B 178 -8.44 7.37 -15.80
C VAL B 178 -9.32 8.58 -15.56
N ALA B 179 -9.96 8.70 -14.39
CA ALA B 179 -10.93 9.77 -14.16
C ALA B 179 -11.20 9.91 -12.67
N ILE B 180 -12.01 10.91 -12.35
CA ILE B 180 -12.48 11.16 -10.99
C ILE B 180 -14.00 11.18 -11.01
N ASP B 181 -14.60 10.63 -9.96
CA ASP B 181 -16.04 10.59 -9.81
C ASP B 181 -16.42 11.37 -8.55
N LEU B 182 -17.69 11.73 -8.46
CA LEU B 182 -18.25 12.31 -7.24
C LEU B 182 -19.56 11.57 -6.99
N ALA B 183 -19.53 10.62 -6.07
CA ALA B 183 -20.65 9.75 -5.79
C ALA B 183 -21.20 10.05 -4.41
N GLY B 184 -22.05 9.16 -3.92
CA GLY B 184 -22.60 9.32 -2.61
C GLY B 184 -24.03 9.81 -2.64
N ASP B 185 -24.40 10.57 -1.60
CA ASP B 185 -25.79 10.96 -1.37
C ASP B 185 -26.09 12.26 -2.09
N GLU B 186 -26.71 12.17 -3.27
CA GLU B 186 -27.11 13.36 -4.01
C GLU B 186 -28.26 14.09 -3.33
N THR B 187 -28.94 13.45 -2.36
CA THR B 187 -30.03 14.10 -1.64
C THR B 187 -29.58 15.28 -0.80
N ILE B 188 -28.28 15.46 -0.58
CA ILE B 188 -27.77 16.55 0.25
C ILE B 188 -27.86 17.84 -0.56
N PRO B 189 -28.59 18.85 -0.08
CA PRO B 189 -28.86 20.03 -0.92
C PRO B 189 -27.61 20.88 -1.09
N GLY B 190 -27.31 21.20 -2.35
CA GLY B 190 -26.16 22.05 -2.63
C GLY B 190 -24.82 21.41 -2.36
N SER B 191 -24.76 20.07 -2.27
CA SER B 191 -23.50 19.40 -1.99
C SER B 191 -22.55 19.44 -3.17
N SER B 192 -23.05 19.65 -4.39
CA SER B 192 -22.18 19.77 -5.54
C SER B 192 -21.37 21.05 -5.54
N LEU B 193 -21.77 22.04 -4.76
CA LEU B 193 -21.11 23.34 -4.76
C LEU B 193 -20.28 23.59 -3.52
N LEU B 194 -19.97 22.56 -2.75
CA LEU B 194 -19.07 22.72 -1.62
C LEU B 194 -17.65 22.98 -2.12
N PRO B 195 -16.91 23.90 -1.48
CA PRO B 195 -15.59 24.27 -2.02
C PRO B 195 -14.65 23.09 -2.16
N GLY B 196 -14.65 22.16 -1.22
CA GLY B 196 -13.78 21.00 -1.34
C GLY B 196 -14.00 20.24 -2.63
N HIS B 197 -15.28 20.03 -3.00
CA HIS B 197 -15.57 19.34 -4.25
C HIS B 197 -15.21 20.21 -5.45
N VAL B 198 -15.52 21.51 -5.39
CA VAL B 198 -15.42 22.33 -6.59
C VAL B 198 -13.98 22.61 -6.95
N GLN B 199 -13.12 22.82 -5.95
CA GLN B 199 -11.71 23.01 -6.24
C GLN B 199 -11.10 21.69 -6.72
N ALA B 200 -11.55 20.58 -6.16
CA ALA B 200 -11.06 19.27 -6.58
C ALA B 200 -11.28 19.05 -8.06
N TYR B 201 -12.49 19.34 -8.54
CA TYR B 201 -12.78 19.16 -9.96
C TYR B 201 -12.08 20.21 -10.81
N GLN B 202 -11.87 21.41 -10.27
CA GLN B 202 -11.14 22.43 -11.01
C GLN B 202 -9.71 21.99 -11.29
N GLU B 203 -9.08 21.34 -10.32
CA GLU B 203 -7.73 20.82 -10.55
C GLU B 203 -7.74 19.59 -11.44
N ALA B 204 -8.86 18.87 -11.48
CA ALA B 204 -9.01 17.83 -12.49
C ALA B 204 -9.05 18.41 -13.89
N VAL B 205 -9.66 19.58 -14.04
CA VAL B 205 -9.70 20.23 -15.36
C VAL B 205 -8.32 20.74 -15.74
N LYS B 206 -7.67 21.46 -14.82
CA LYS B 206 -6.33 21.96 -15.06
C LYS B 206 -5.35 20.82 -15.35
N SER B 207 -5.31 19.81 -14.46
CA SER B 207 -4.32 18.74 -14.57
C SER B 207 -4.70 17.68 -15.61
N GLY B 208 -5.76 17.90 -16.37
CA GLY B 208 -6.14 16.98 -17.44
C GLY B 208 -6.62 15.63 -16.94
N ILE B 209 -7.35 15.60 -15.83
CA ILE B 209 -7.94 14.39 -15.29
C ILE B 209 -9.41 14.33 -15.73
N HIS B 210 -9.83 13.17 -16.22
CA HIS B 210 -11.19 13.03 -16.72
C HIS B 210 -12.19 13.06 -15.57
N ARG B 211 -13.43 13.43 -15.88
CA ARG B 211 -14.43 13.73 -14.87
C ARG B 211 -15.77 13.06 -15.17
N THR B 212 -16.30 12.35 -14.18
CA THR B 212 -17.65 11.82 -14.21
C THR B 212 -18.33 12.18 -12.89
N VAL B 213 -19.65 12.32 -12.92
CA VAL B 213 -20.40 12.78 -11.76
C VAL B 213 -21.72 12.02 -11.66
N HIS B 214 -21.97 11.43 -10.49
CA HIS B 214 -23.32 10.95 -10.16
C HIS B 214 -24.26 12.13 -10.09
N ALA B 215 -25.18 12.25 -11.04
CA ALA B 215 -26.07 13.40 -11.05
C ALA B 215 -27.37 13.08 -11.76
N GLY B 216 -28.49 13.46 -11.14
CA GLY B 216 -29.79 13.29 -11.73
C GLY B 216 -30.46 11.94 -11.56
N GLU B 217 -30.00 11.09 -10.64
CA GLU B 217 -30.67 9.80 -10.48
C GLU B 217 -31.93 9.94 -9.63
N VAL B 218 -31.84 10.65 -8.52
CA VAL B 218 -33.02 11.01 -7.72
C VAL B 218 -33.03 12.48 -7.35
N GLY B 219 -32.10 13.28 -7.83
CA GLY B 219 -32.13 14.71 -7.65
C GLY B 219 -32.71 15.40 -8.88
N SER B 220 -32.74 16.72 -8.81
CA SER B 220 -33.25 17.51 -9.93
C SER B 220 -32.18 17.61 -11.03
N ALA B 221 -32.55 18.25 -12.15
CA ALA B 221 -31.57 18.60 -13.17
C ALA B 221 -30.79 19.83 -12.76
N GLU B 222 -31.26 20.56 -11.75
CA GLU B 222 -30.43 21.58 -11.14
C GLU B 222 -29.11 20.98 -10.68
N VAL B 223 -29.15 19.79 -10.06
CA VAL B 223 -27.93 19.06 -9.77
C VAL B 223 -27.19 18.75 -11.06
N VAL B 224 -27.93 18.31 -12.08
CA VAL B 224 -27.30 17.99 -13.36
C VAL B 224 -26.59 19.22 -13.93
N LYS B 225 -27.16 20.41 -13.77
CA LYS B 225 -26.58 21.58 -14.43
C LYS B 225 -25.36 22.07 -13.68
N GLU B 226 -25.31 21.88 -12.37
CA GLU B 226 -24.08 22.17 -11.64
C GLU B 226 -22.98 21.19 -12.01
N ALA B 227 -23.32 19.92 -12.20
CA ALA B 227 -22.33 18.95 -12.62
C ALA B 227 -21.71 19.32 -13.96
N VAL B 228 -22.56 19.60 -14.96
CA VAL B 228 -22.06 19.93 -16.29
C VAL B 228 -21.34 21.27 -16.29
N ASP B 229 -22.02 22.34 -15.85
CA ASP B 229 -21.50 23.68 -16.10
C ASP B 229 -20.50 24.15 -15.05
N ILE B 230 -20.60 23.68 -13.82
CA ILE B 230 -19.65 24.07 -12.79
C ILE B 230 -18.51 23.07 -12.75
N LEU B 231 -18.83 21.81 -12.46
CA LEU B 231 -17.79 20.79 -12.27
C LEU B 231 -17.14 20.36 -13.58
N LYS B 232 -17.62 20.85 -14.72
CA LYS B 232 -17.14 20.47 -16.05
C LYS B 232 -16.99 18.96 -16.18
N THR B 233 -18.10 18.26 -15.97
CA THR B 233 -18.08 16.81 -16.11
C THR B 233 -18.16 16.41 -17.59
N GLU B 234 -17.64 15.23 -17.89
CA GLU B 234 -17.68 14.69 -19.24
C GLU B 234 -18.66 13.54 -19.42
N ARG B 235 -19.11 12.94 -18.32
CA ARG B 235 -20.12 11.89 -18.36
C ARG B 235 -21.05 12.08 -17.16
N LEU B 236 -22.29 11.63 -17.34
CA LEU B 236 -23.32 11.78 -16.32
C LEU B 236 -23.68 10.39 -15.78
N GLY B 237 -23.51 10.20 -14.48
CA GLY B 237 -23.99 8.99 -13.85
C GLY B 237 -25.47 9.08 -13.56
N HIS B 238 -26.27 8.19 -14.18
CA HIS B 238 -27.72 8.17 -14.07
C HIS B 238 -28.32 9.53 -14.43
N GLY B 239 -28.25 9.84 -15.72
CA GLY B 239 -28.72 11.16 -16.14
C GLY B 239 -30.22 11.28 -16.27
N TYR B 240 -30.97 10.45 -15.51
CA TYR B 240 -32.40 10.26 -15.77
C TYR B 240 -33.15 11.58 -15.74
N HIS B 241 -33.01 12.34 -14.65
CA HIS B 241 -33.78 13.56 -14.46
C HIS B 241 -33.26 14.75 -15.28
N THR B 242 -32.31 14.51 -16.21
CA THR B 242 -32.00 15.52 -17.20
C THR B 242 -33.25 15.86 -17.98
N LEU B 243 -34.16 14.91 -18.01
CA LEU B 243 -35.40 15.13 -18.71
C LEU B 243 -36.41 16.00 -17.94
N GLU B 244 -36.12 16.65 -16.73
CA GLU B 244 -37.28 17.47 -16.24
C GLU B 244 -37.44 18.63 -17.19
N ASP B 245 -36.31 18.99 -17.79
CA ASP B 245 -36.05 20.29 -18.33
C ASP B 245 -35.69 19.98 -19.77
N GLN B 246 -36.65 20.18 -20.67
CA GLN B 246 -36.36 19.83 -22.05
C GLN B 246 -35.30 20.72 -22.64
N ALA B 247 -35.22 21.99 -22.21
CA ALA B 247 -34.18 22.88 -22.71
C ALA B 247 -32.79 22.35 -22.41
N LEU B 248 -32.57 21.91 -21.17
CA LEU B 248 -31.28 21.36 -20.79
C LEU B 248 -30.96 20.07 -21.56
N TYR B 249 -31.95 19.19 -21.66
CA TYR B 249 -31.75 17.91 -22.33
C TYR B 249 -31.17 18.07 -23.73
N ASN B 250 -31.83 18.87 -24.58
CA ASN B 250 -31.37 19.01 -25.95
C ASN B 250 -30.03 19.74 -26.05
N ARG B 251 -29.65 20.50 -25.02
CA ARG B 251 -28.32 21.10 -25.00
C ARG B 251 -27.23 20.04 -24.89
N LEU B 252 -27.39 19.11 -23.94
CA LEU B 252 -26.39 18.06 -23.78
C LEU B 252 -26.42 17.09 -24.95
N ARG B 253 -27.57 16.93 -25.63
CA ARG B 253 -27.59 16.15 -26.87
C ARG B 253 -26.69 16.78 -27.94
N GLN B 254 -26.70 18.10 -28.06
CA GLN B 254 -25.83 18.81 -29.01
C GLN B 254 -24.36 18.74 -28.56
N GLU B 255 -24.09 18.61 -27.25
CA GLU B 255 -22.71 18.47 -26.80
C GLU B 255 -22.30 17.02 -26.65
N ASN B 256 -23.17 16.09 -27.07
CA ASN B 256 -22.87 14.66 -27.10
C ASN B 256 -22.43 14.16 -25.73
N MET B 257 -23.12 14.61 -24.69
CA MET B 257 -22.82 14.12 -23.35
C MET B 257 -23.26 12.67 -23.22
N HIS B 258 -22.42 11.88 -22.55
CA HIS B 258 -22.68 10.45 -22.38
C HIS B 258 -23.39 10.21 -21.06
N PHE B 259 -24.43 9.38 -21.10
CA PHE B 259 -25.22 9.04 -19.93
C PHE B 259 -24.91 7.61 -19.49
N GLU B 260 -24.58 7.44 -18.22
CA GLU B 260 -24.28 6.11 -17.67
C GLU B 260 -25.57 5.57 -17.04
N ILE B 261 -26.43 5.01 -17.89
CA ILE B 261 -27.71 4.49 -17.44
C ILE B 261 -27.49 3.14 -16.75
N CYS B 262 -28.24 2.90 -15.67
CA CYS B 262 -28.19 1.64 -14.94
C CYS B 262 -29.63 1.22 -14.69
N PRO B 263 -30.23 0.47 -15.63
CA PRO B 263 -31.69 0.23 -15.59
C PRO B 263 -32.19 -0.46 -14.33
N TRP B 264 -31.67 -1.64 -14.02
CA TRP B 264 -32.14 -2.36 -12.84
C TRP B 264 -31.81 -1.60 -11.58
N SER B 265 -30.62 -1.00 -11.51
CA SER B 265 -30.27 -0.12 -10.40
C SER B 265 -31.27 1.02 -10.28
N SER B 266 -31.67 1.59 -11.43
CA SER B 266 -32.56 2.73 -11.45
C SER B 266 -33.94 2.41 -10.88
N TYR B 267 -34.33 1.13 -10.89
CA TYR B 267 -35.64 0.76 -10.36
C TYR B 267 -35.61 0.57 -8.85
N LEU B 268 -34.57 -0.10 -8.33
CA LEU B 268 -34.56 -0.46 -6.92
C LEU B 268 -34.31 0.74 -6.00
N THR B 269 -33.62 1.77 -6.50
CA THR B 269 -33.34 2.95 -5.68
C THR B 269 -34.45 3.99 -5.74
N GLY B 270 -35.56 3.69 -6.41
CA GLY B 270 -36.59 4.69 -6.59
C GLY B 270 -36.28 5.73 -7.64
N ALA B 271 -35.10 5.66 -8.26
CA ALA B 271 -34.74 6.60 -9.31
C ALA B 271 -35.77 6.57 -10.43
N TRP B 272 -36.29 5.40 -10.77
CA TRP B 272 -37.33 5.31 -11.79
C TRP B 272 -38.56 4.66 -11.17
N LYS B 273 -39.56 5.48 -10.79
CA LYS B 273 -40.92 4.96 -10.60
C LYS B 273 -41.35 4.11 -11.78
N PRO B 274 -41.83 2.89 -11.52
CA PRO B 274 -42.13 1.95 -12.60
C PRO B 274 -43.35 2.29 -13.42
N ASP B 275 -44.14 3.31 -13.05
CA ASP B 275 -45.31 3.61 -13.88
C ASP B 275 -44.96 4.46 -15.10
N THR B 276 -43.94 5.30 -15.00
CA THR B 276 -43.58 6.17 -16.11
C THR B 276 -42.49 5.54 -16.97
N GLU B 277 -42.48 5.94 -18.23
CA GLU B 277 -41.45 5.60 -19.20
C GLU B 277 -40.05 5.87 -18.66
N HIS B 278 -39.20 4.84 -18.69
CA HIS B 278 -37.81 4.99 -18.29
C HIS B 278 -37.10 6.00 -19.19
N ALA B 279 -36.10 6.68 -18.63
CA ALA B 279 -35.39 7.71 -19.38
C ALA B 279 -34.66 7.13 -20.58
N VAL B 280 -34.10 5.92 -20.43
CA VAL B 280 -33.34 5.29 -21.51
C VAL B 280 -34.22 5.15 -22.74
N ILE B 281 -35.53 5.30 -22.57
CA ILE B 281 -36.44 5.15 -23.69
C ILE B 281 -36.15 6.21 -24.75
N ARG B 282 -36.04 7.52 -24.38
CA ARG B 282 -35.83 8.35 -25.57
C ARG B 282 -34.47 8.15 -26.14
N LEU B 283 -33.51 8.01 -25.26
CA LEU B 283 -32.15 8.15 -25.70
C LEU B 283 -31.81 7.01 -26.65
N LYS B 284 -32.65 5.97 -26.61
CA LYS B 284 -32.78 5.09 -27.75
C LYS B 284 -33.54 5.76 -28.89
N ASN B 285 -34.65 6.43 -28.59
CA ASN B 285 -35.44 7.09 -29.63
C ASN B 285 -34.70 8.29 -30.22
N ASP B 286 -34.11 9.13 -29.35
CA ASP B 286 -33.29 10.25 -29.81
C ASP B 286 -31.90 9.82 -30.25
N GLN B 287 -31.56 8.54 -30.08
CA GLN B 287 -30.25 8.00 -30.44
C GLN B 287 -29.12 8.85 -29.85
N ALA B 288 -29.27 9.25 -28.60
CA ALA B 288 -28.24 10.02 -27.90
C ALA B 288 -27.11 9.10 -27.46
N ASN B 289 -26.20 9.63 -26.65
CA ASN B 289 -24.98 8.95 -26.22
C ASN B 289 -25.17 8.41 -24.80
N TYR B 290 -25.26 7.09 -24.67
CA TYR B 290 -25.51 6.46 -23.37
C TYR B 290 -24.95 5.04 -23.37
N SER B 291 -24.84 4.47 -22.17
CA SER B 291 -24.37 3.12 -21.98
C SER B 291 -25.22 2.42 -20.93
N LEU B 292 -25.04 1.10 -20.81
CA LEU B 292 -25.76 0.27 -19.86
C LEU B 292 -24.79 -0.26 -18.81
N ASN B 293 -25.16 -0.13 -17.53
CA ASN B 293 -24.25 -0.44 -16.44
C ASN B 293 -25.01 -1.10 -15.29
N THR B 294 -24.25 -1.71 -14.37
CA THR B 294 -24.82 -2.43 -13.23
C THR B 294 -24.92 -1.62 -11.95
N ASP B 295 -24.08 -0.60 -11.77
CA ASP B 295 -23.95 0.12 -10.51
C ASP B 295 -23.45 -0.81 -9.41
N ASP B 296 -24.36 -1.46 -8.68
CA ASP B 296 -24.00 -2.34 -7.57
C ASP B 296 -24.76 -3.66 -7.63
N PRO B 297 -24.25 -4.65 -8.37
CA PRO B 297 -24.98 -5.92 -8.49
C PRO B 297 -25.04 -6.72 -7.18
N LEU B 298 -24.09 -6.53 -6.27
CA LEU B 298 -24.14 -7.27 -5.01
C LEU B 298 -25.37 -6.90 -4.20
N ILE B 299 -25.64 -5.59 -4.08
CA ILE B 299 -26.81 -5.14 -3.33
C ILE B 299 -28.09 -5.44 -4.10
N PHE B 300 -28.01 -5.45 -5.43
CA PHE B 300 -29.18 -5.65 -6.27
C PHE B 300 -29.39 -7.10 -6.68
N LYS B 301 -28.55 -8.01 -6.18
CA LYS B 301 -28.61 -9.43 -6.56
C LYS B 301 -28.64 -9.56 -8.09
N SER B 302 -27.75 -8.82 -8.72
CA SER B 302 -27.78 -8.54 -10.15
C SER B 302 -26.48 -9.01 -10.80
N THR B 303 -26.54 -9.15 -12.12
CA THR B 303 -25.36 -9.06 -12.97
C THR B 303 -25.73 -8.22 -14.18
N LEU B 304 -24.79 -8.06 -15.11
CA LEU B 304 -25.03 -7.15 -16.22
C LEU B 304 -26.05 -7.71 -17.22
N ASP B 305 -26.35 -9.00 -17.18
CA ASP B 305 -27.37 -9.50 -18.11
C ASP B 305 -28.79 -9.14 -17.68
N THR B 306 -29.03 -9.02 -16.36
CA THR B 306 -30.25 -8.38 -15.90
C THR B 306 -30.44 -6.98 -16.45
N ASP B 307 -29.40 -6.15 -16.45
CA ASP B 307 -29.61 -4.82 -17.02
C ASP B 307 -29.78 -4.91 -18.54
N TYR B 308 -29.19 -5.93 -19.18
CA TYR B 308 -29.34 -6.12 -20.62
C TYR B 308 -30.61 -6.86 -21.00
N GLN B 309 -31.01 -7.84 -20.19
CA GLN B 309 -32.32 -8.42 -20.42
C GLN B 309 -33.40 -7.44 -19.98
N MET B 310 -33.03 -6.45 -19.16
CA MET B 310 -33.94 -5.34 -18.87
C MET B 310 -34.16 -4.46 -20.11
N THR B 311 -33.11 -4.18 -20.88
CA THR B 311 -33.32 -3.36 -22.06
C THR B 311 -34.16 -4.07 -23.13
N LYS B 312 -33.74 -5.29 -23.54
CA LYS B 312 -34.28 -5.95 -24.74
C LYS B 312 -35.73 -6.39 -24.58
N ARG B 313 -36.00 -7.27 -23.62
CA ARG B 313 -37.36 -7.54 -23.14
C ARG B 313 -38.27 -6.33 -23.10
N ASP B 314 -37.79 -5.23 -22.54
CA ASP B 314 -38.62 -4.58 -21.56
C ASP B 314 -39.07 -3.26 -22.07
N MET B 315 -38.24 -2.67 -22.93
CA MET B 315 -38.37 -1.36 -23.53
C MET B 315 -38.20 -1.45 -25.05
N GLY B 316 -38.15 -2.68 -25.58
CA GLY B 316 -37.96 -2.92 -26.99
C GLY B 316 -36.59 -2.55 -27.50
N PHE B 317 -35.55 -3.05 -26.83
CA PHE B 317 -34.18 -2.88 -27.31
C PHE B 317 -33.79 -4.05 -28.21
N THR B 318 -32.93 -3.76 -29.18
CA THR B 318 -32.53 -4.71 -30.20
C THR B 318 -31.01 -4.87 -30.20
N GLU B 319 -30.55 -5.91 -30.89
CA GLU B 319 -29.12 -6.12 -31.08
C GLU B 319 -28.48 -4.89 -31.72
N GLU B 320 -29.14 -4.33 -32.75
CA GLU B 320 -28.65 -3.10 -33.38
C GLU B 320 -28.39 -2.01 -32.34
N GLU B 321 -29.39 -1.70 -31.51
CA GLU B 321 -29.22 -0.63 -30.52
C GLU B 321 -28.18 -1.01 -29.48
N PHE B 322 -28.10 -2.30 -29.12
CA PHE B 322 -27.07 -2.74 -28.17
C PHE B 322 -25.69 -2.52 -28.73
N LYS B 323 -25.52 -2.65 -30.05
CA LYS B 323 -24.23 -2.37 -30.66
C LYS B 323 -23.88 -0.90 -30.50
N ARG B 324 -24.82 -0.01 -30.83
CA ARG B 324 -24.50 1.41 -30.88
C ARG B 324 -24.15 1.97 -29.51
N LEU B 325 -24.88 1.55 -28.47
CA LEU B 325 -24.56 2.07 -27.14
C LEU B 325 -23.21 1.56 -26.67
N ASN B 326 -22.81 0.35 -27.07
CA ASN B 326 -21.50 -0.17 -26.68
C ASN B 326 -20.36 0.45 -27.49
N ILE B 327 -20.61 0.82 -28.77
CA ILE B 327 -19.66 1.67 -29.50
C ILE B 327 -19.70 3.12 -29.04
N ASN B 328 -20.85 3.63 -28.58
CA ASN B 328 -20.80 4.97 -27.99
C ASN B 328 -20.03 4.95 -26.67
N ALA B 329 -20.20 3.88 -25.88
CA ALA B 329 -19.46 3.74 -24.64
C ALA B 329 -17.96 3.71 -24.87
N ALA B 330 -17.51 3.16 -25.99
CA ALA B 330 -16.08 3.05 -26.24
C ALA B 330 -15.40 4.37 -26.60
N LYS B 331 -16.07 5.28 -27.27
CA LYS B 331 -15.42 6.54 -27.53
C LYS B 331 -15.90 7.66 -26.61
N SER B 332 -16.71 7.31 -25.62
CA SER B 332 -16.87 8.10 -24.41
C SER B 332 -16.16 7.41 -23.25
N SER B 333 -15.29 6.45 -23.56
CA SER B 333 -14.39 5.86 -22.60
C SER B 333 -13.36 6.87 -22.12
N PHE B 334 -12.70 6.53 -21.01
CA PHE B 334 -11.64 7.35 -20.45
C PHE B 334 -10.26 6.78 -20.72
N LEU B 335 -10.14 5.83 -21.65
CA LEU B 335 -8.84 5.32 -22.02
C LEU B 335 -8.06 6.37 -22.81
N PRO B 336 -6.74 6.26 -22.83
CA PRO B 336 -5.95 7.12 -23.73
C PRO B 336 -6.36 6.85 -25.18
N GLU B 337 -6.34 7.90 -25.98
CA GLU B 337 -6.76 7.83 -27.38
C GLU B 337 -6.14 6.66 -28.16
N ASP B 338 -4.98 6.14 -27.73
CA ASP B 338 -4.39 5.03 -28.47
C ASP B 338 -5.04 3.71 -28.09
N GLU B 339 -5.16 3.44 -26.79
CA GLU B 339 -5.87 2.25 -26.34
C GLU B 339 -7.35 2.36 -26.67
N LYS B 340 -7.86 3.59 -26.70
CA LYS B 340 -9.26 3.82 -27.02
C LYS B 340 -9.60 3.34 -28.42
N ARG B 341 -8.65 3.35 -29.36
CA ARG B 341 -9.00 2.73 -30.64
C ARG B 341 -8.89 1.21 -30.66
N GLU B 342 -7.77 0.61 -30.20
CA GLU B 342 -7.68 -0.83 -30.49
C GLU B 342 -8.85 -1.58 -29.86
N LEU B 343 -9.47 -0.98 -28.84
CA LEU B 343 -10.68 -1.51 -28.25
C LEU B 343 -11.89 -1.24 -29.13
N LEU B 344 -11.96 -0.06 -29.73
CA LEU B 344 -13.08 0.25 -30.62
C LEU B 344 -13.11 -0.67 -31.82
N ASP B 345 -11.93 -0.98 -32.40
CA ASP B 345 -11.88 -1.87 -33.54
C ASP B 345 -11.99 -3.33 -33.10
N LEU B 346 -11.70 -3.62 -31.82
CA LEU B 346 -12.09 -4.90 -31.27
C LEU B 346 -13.60 -5.08 -31.40
N LEU B 347 -14.36 -4.04 -31.04
CA LEU B 347 -15.81 -4.10 -31.20
C LEU B 347 -16.20 -4.00 -32.67
N TYR B 348 -15.42 -3.28 -33.48
CA TYR B 348 -15.72 -3.19 -34.92
C TYR B 348 -15.71 -4.58 -35.55
N LYS B 349 -14.68 -5.37 -35.26
CA LYS B 349 -14.55 -6.69 -35.86
C LYS B 349 -15.50 -7.70 -35.24
N ALA B 350 -15.91 -7.49 -33.99
CA ALA B 350 -16.85 -8.41 -33.34
C ALA B 350 -18.28 -8.09 -33.70
N TYR B 351 -18.56 -6.89 -34.20
CA TYR B 351 -19.90 -6.45 -34.57
C TYR B 351 -20.15 -6.58 -36.06
N GLY B 352 -19.14 -7.00 -36.83
CA GLY B 352 -19.25 -7.08 -38.27
C GLY B 352 -19.00 -5.77 -38.97
N MET B 353 -17.97 -5.04 -38.56
CA MET B 353 -17.58 -3.76 -39.12
C MET B 353 -16.09 -3.78 -39.42
N PRO B 354 -15.63 -3.00 -40.40
CA PRO B 354 -14.21 -2.99 -40.73
C PRO B 354 -13.41 -2.19 -39.70
N PRO B 355 -12.30 -2.74 -39.20
CA PRO B 355 -11.46 -1.97 -38.28
C PRO B 355 -10.69 -0.87 -38.99
N SER B 356 -9.73 -0.27 -38.30
CA SER B 356 -8.93 0.81 -38.88
C SER B 356 -7.58 0.29 -39.37
#